data_2VK7
#
_entry.id   2VK7
#
_cell.length_a   69.600
_cell.length_b   97.400
_cell.length_c   72.600
_cell.angle_alpha   90.00
_cell.angle_beta   91.00
_cell.angle_gamma   90.00
#
_symmetry.space_group_name_H-M   'P 1 21 1'
#
loop_
_entity.id
_entity.type
_entity.pdbx_description
1 polymer EXO-ALPHA-SIALIDASE
2 non-polymer 'CALCIUM ION'
3 non-polymer '5-acetamido-3,5-dideoxy-3-fluoro-D-erythro-alpha-L-manno-non-2-ulopyranosonic acid'
4 water water
#
_entity_poly.entity_id   1
_entity_poly.type   'polypeptide(L)'
_entity_poly.pdbx_seq_one_letter_code
;VEGAVKTEPVDLFHPGFLNSSNYRIPALFKTKEGTLIASIDARRHGGADAPNNDIDTAVRRSEDGGKTWDEGQIIMDYPD
KSSVIDTTLIQDDETGRIFLLVTHFPSKYGFWNAGLGSGFKNIDGKEYLCLYDSSGKEFTVRENVVYDKDSNKTEYTTNA
LGDLFKNGTKIDNINSSTAPLKAKGTSYINLVYSDDDGKTWSEPQNINFQVKKDWMKFLGIAPGRGIQIKNGEHKGRIVV
PVYYTNEKGKQSSAVIYSDDSGKNWTIGESPNDNRKLENGKIINSKTLSDDAPQLTECQVVEMPNGQLKLFMRNLSGYLN
IATSFDGGATWDETVEKDTNVLEPYCQLSVINYSQKVDGKDAVIFSNPNARSRSNGTVRIGLINQVGTYENGEPKYEFDW
KYNKLVKPGYYAYSCLTELSNGNIGLLYEGTPSEEMSYIEMNLKYLESGANK
;
_entity_poly.pdbx_strand_id   A,B
#
loop_
_chem_comp.id
_chem_comp.type
_chem_comp.name
_chem_comp.formula
CA non-polymer 'CALCIUM ION' 'Ca 2'
FSI D-saccharide, beta linking '5-acetamido-3,5-dideoxy-3-fluoro-D-erythro-alpha-L-manno-non-2-ulopyranosonic acid' 'C11 H18 F N O9'
#
# COMPACT_ATOMS: atom_id res chain seq x y z
N VAL A 1 -16.43 26.79 -30.20
CA VAL A 1 -16.29 28.27 -30.03
C VAL A 1 -14.88 28.65 -29.59
N GLU A 2 -14.55 29.94 -29.70
CA GLU A 2 -13.23 30.37 -29.31
C GLU A 2 -12.93 30.11 -27.82
N GLY A 3 -11.78 29.51 -27.55
CA GLY A 3 -11.40 29.14 -26.19
C GLY A 3 -11.97 27.81 -25.72
N ALA A 4 -12.85 27.21 -26.52
CA ALA A 4 -13.35 25.85 -26.19
C ALA A 4 -12.22 24.84 -26.29
N VAL A 5 -12.18 23.96 -25.30
CA VAL A 5 -11.17 22.91 -25.22
C VAL A 5 -11.91 21.59 -25.16
N LYS A 6 -11.63 20.72 -26.11
CA LYS A 6 -12.00 19.28 -25.99
C LYS A 6 -10.82 18.57 -26.64
N THR A 7 -10.03 17.90 -25.83
CA THR A 7 -8.86 17.23 -26.36
C THR A 7 -9.25 16.05 -27.26
N GLU A 8 -8.36 15.72 -28.18
CA GLU A 8 -8.56 14.56 -29.01
CA GLU A 8 -8.50 14.55 -29.03
C GLU A 8 -8.42 13.31 -28.14
N PRO A 9 -9.33 12.34 -28.32
CA PRO A 9 -9.31 11.19 -27.41
C PRO A 9 -7.98 10.45 -27.41
N VAL A 10 -7.56 10.02 -26.21
CA VAL A 10 -6.43 9.13 -26.12
CA VAL A 10 -6.40 9.19 -25.99
C VAL A 10 -6.92 7.81 -25.57
N ASP A 11 -6.35 6.73 -26.14
CA ASP A 11 -6.71 5.37 -25.70
C ASP A 11 -5.95 5.05 -24.43
N LEU A 12 -6.55 5.36 -23.29
CA LEU A 12 -5.84 5.15 -22.04
C LEU A 12 -5.68 3.68 -21.70
N PHE A 13 -6.66 2.88 -22.13
CA PHE A 13 -6.48 1.42 -22.10
C PHE A 13 -6.85 0.91 -23.49
N HIS A 14 -6.27 -0.21 -23.90
CA HIS A 14 -6.50 -0.69 -25.26
C HIS A 14 -5.92 -2.10 -25.32
N PRO A 15 -6.34 -2.89 -26.34
CA PRO A 15 -5.80 -4.24 -26.48
C PRO A 15 -4.27 -4.19 -26.50
N GLY A 16 -3.65 -5.08 -25.75
CA GLY A 16 -2.19 -5.17 -25.69
C GLY A 16 -1.63 -4.42 -24.50
N PHE A 17 -2.33 -3.42 -23.97
CA PHE A 17 -1.80 -2.69 -22.79
C PHE A 17 -1.76 -3.66 -21.62
N LEU A 18 -0.59 -3.78 -20.96
CA LEU A 18 -0.43 -4.76 -19.87
C LEU A 18 -0.74 -6.16 -20.35
N ASN A 19 -0.61 -6.42 -21.66
CA ASN A 19 -0.93 -7.72 -22.25
CA ASN A 19 -0.89 -7.75 -22.19
C ASN A 19 -2.34 -8.21 -21.99
N SER A 20 -3.27 -7.26 -21.89
CA SER A 20 -4.69 -7.62 -21.81
C SER A 20 -5.35 -7.39 -23.17
N SER A 21 -6.11 -8.38 -23.65
CA SER A 21 -6.78 -8.24 -24.92
C SER A 21 -7.97 -7.29 -24.87
N ASN A 22 -8.60 -7.12 -23.71
CA ASN A 22 -9.81 -6.31 -23.61
C ASN A 22 -9.80 -5.53 -22.33
N TYR A 23 -10.63 -4.49 -22.34
CA TYR A 23 -10.76 -3.60 -21.20
C TYR A 23 -12.22 -3.15 -21.14
N ARG A 24 -12.74 -2.94 -19.91
CA ARG A 24 -14.05 -2.36 -19.69
C ARG A 24 -14.10 -1.73 -18.32
N ILE A 25 -15.10 -0.88 -18.12
CA ILE A 25 -15.56 -0.41 -16.80
C ILE A 25 -14.66 0.63 -16.16
N PRO A 26 -14.71 1.85 -16.68
CA PRO A 26 -13.79 2.90 -16.21
C PRO A 26 -14.12 3.50 -14.84
N ALA A 27 -13.08 3.86 -14.10
CA ALA A 27 -13.21 4.64 -12.89
C ALA A 27 -12.10 5.69 -12.99
N LEU A 28 -12.40 6.92 -12.57
CA LEU A 28 -11.44 8.02 -12.72
C LEU A 28 -11.60 8.97 -11.55
N PHE A 29 -10.47 9.35 -10.96
CA PHE A 29 -10.52 10.14 -9.73
C PHE A 29 -9.28 11.00 -9.60
N LYS A 30 -9.45 12.23 -9.14
CA LYS A 30 -8.32 13.12 -8.83
C LYS A 30 -8.09 13.10 -7.32
N THR A 31 -6.85 12.79 -6.93
CA THR A 31 -6.55 12.69 -5.52
C THR A 31 -6.28 14.06 -4.94
N LYS A 32 -6.18 14.11 -3.61
CA LYS A 32 -5.90 15.36 -2.89
C LYS A 32 -4.60 16.01 -3.36
N GLU A 33 -3.63 15.21 -3.76
CA GLU A 33 -2.34 15.69 -4.27
C GLU A 33 -2.43 16.18 -5.72
N GLY A 34 -3.59 15.97 -6.35
CA GLY A 34 -3.80 16.36 -7.73
C GLY A 34 -3.47 15.28 -8.75
N THR A 35 -3.18 14.06 -8.30
CA THR A 35 -2.86 12.96 -9.22
C THR A 35 -4.16 12.40 -9.78
N LEU A 36 -4.17 12.01 -11.06
CA LEU A 36 -5.32 11.26 -11.59
C LEU A 36 -5.07 9.81 -11.47
N ILE A 37 -6.08 9.10 -10.97
CA ILE A 37 -6.01 7.65 -10.98
CA ILE A 37 -6.04 7.64 -10.91
C ILE A 37 -7.12 7.14 -11.84
N ALA A 38 -6.76 6.25 -12.77
CA ALA A 38 -7.78 5.59 -13.64
C ALA A 38 -7.68 4.09 -13.35
N SER A 39 -8.81 3.49 -13.01
CA SER A 39 -8.86 2.04 -12.85
CA SER A 39 -8.90 2.06 -12.81
C SER A 39 -9.83 1.45 -13.86
N ILE A 40 -9.69 0.13 -14.09
CA ILE A 40 -10.40 -0.49 -15.18
C ILE A 40 -10.32 -2.00 -14.97
N ASP A 41 -11.25 -2.71 -15.60
CA ASP A 41 -11.16 -4.16 -15.70
C ASP A 41 -10.28 -4.52 -16.89
N ALA A 42 -9.21 -5.29 -16.63
CA ALA A 42 -8.40 -5.92 -17.67
C ALA A 42 -9.01 -7.28 -17.94
N ARG A 43 -9.87 -7.33 -18.95
CA ARG A 43 -10.64 -8.55 -19.27
C ARG A 43 -9.78 -9.42 -20.20
N ARG A 44 -9.26 -10.53 -19.70
CA ARG A 44 -8.15 -11.24 -20.35
CA ARG A 44 -8.14 -11.18 -20.38
C ARG A 44 -8.54 -12.15 -21.48
N HIS A 45 -9.81 -12.55 -21.51
CA HIS A 45 -10.26 -13.55 -22.49
C HIS A 45 -11.33 -13.10 -23.45
N GLY A 46 -11.52 -11.81 -23.58
CA GLY A 46 -12.60 -11.28 -24.37
C GLY A 46 -13.29 -10.23 -23.52
N GLY A 47 -14.44 -9.76 -23.99
CA GLY A 47 -15.18 -8.69 -23.28
C GLY A 47 -16.22 -9.16 -22.30
N ALA A 48 -16.53 -10.47 -22.27
CA ALA A 48 -17.71 -10.92 -21.52
C ALA A 48 -17.59 -10.73 -20.01
N ASP A 49 -18.73 -10.55 -19.37
CA ASP A 49 -18.74 -10.45 -17.91
C ASP A 49 -18.37 -11.83 -17.29
N ALA A 50 -17.93 -11.79 -16.04
CA ALA A 50 -17.89 -13.00 -15.19
C ALA A 50 -19.25 -13.68 -15.29
N PRO A 51 -19.27 -15.04 -15.32
CA PRO A 51 -18.15 -15.97 -15.13
C PRO A 51 -17.38 -16.33 -16.41
N ASN A 52 -17.74 -15.74 -17.55
CA ASN A 52 -17.16 -16.15 -18.84
C ASN A 52 -15.92 -15.36 -19.17
N ASN A 53 -14.99 -15.30 -18.24
CA ASN A 53 -13.77 -14.52 -18.44
C ASN A 53 -12.83 -14.77 -17.28
N ASP A 54 -11.70 -14.07 -17.36
CA ASP A 54 -10.72 -14.01 -16.27
C ASP A 54 -10.34 -12.54 -16.24
N ILE A 55 -10.78 -11.82 -15.21
CA ILE A 55 -10.66 -10.35 -15.19
C ILE A 55 -9.82 -9.93 -14.01
N ASP A 56 -8.85 -9.05 -14.29
CA ASP A 56 -7.95 -8.47 -13.31
C ASP A 56 -8.23 -6.97 -13.22
N THR A 57 -7.78 -6.33 -12.15
CA THR A 57 -7.94 -4.87 -12.02
C THR A 57 -6.62 -4.19 -12.40
N ALA A 58 -6.67 -3.21 -13.30
CA ALA A 58 -5.51 -2.38 -13.68
C ALA A 58 -5.71 -0.94 -13.27
N VAL A 59 -4.58 -0.26 -13.05
CA VAL A 59 -4.57 1.15 -12.66
C VAL A 59 -3.46 1.88 -13.42
N ARG A 60 -3.79 3.07 -13.91
CA ARG A 60 -2.76 4.01 -14.40
C ARG A 60 -2.86 5.29 -13.60
N ARG A 61 -1.74 5.99 -13.48
CA ARG A 61 -1.66 7.27 -12.78
C ARG A 61 -1.11 8.35 -13.71
N SER A 62 -1.59 9.57 -13.52
CA SER A 62 -1.01 10.74 -14.17
C SER A 62 -0.69 11.77 -13.09
N GLU A 63 0.54 12.29 -13.18
CA GLU A 63 0.98 13.38 -12.28
C GLU A 63 1.00 14.76 -12.91
N ASP A 64 0.51 14.89 -14.15
CA ASP A 64 0.56 16.19 -14.86
C ASP A 64 -0.81 16.55 -15.40
N GLY A 65 -1.83 16.17 -14.67
CA GLY A 65 -3.17 16.61 -15.02
C GLY A 65 -3.74 15.86 -16.20
N GLY A 66 -3.28 14.63 -16.42
CA GLY A 66 -3.85 13.80 -17.48
C GLY A 66 -3.18 13.96 -18.82
N LYS A 67 -2.10 14.72 -18.88
CA LYS A 67 -1.37 14.86 -20.15
C LYS A 67 -0.51 13.65 -20.49
N THR A 68 0.07 13.03 -19.44
CA THR A 68 0.83 11.80 -19.63
C THR A 68 0.48 10.83 -18.50
N TRP A 69 0.61 9.55 -18.81
CA TRP A 69 0.19 8.52 -17.85
C TRP A 69 1.28 7.49 -17.71
N ASP A 70 1.33 6.83 -16.54
CA ASP A 70 2.36 5.85 -16.27
C ASP A 70 2.12 4.55 -17.02
N GLU A 71 3.00 3.57 -16.80
CA GLU A 71 2.94 2.34 -17.53
C GLU A 71 1.87 1.36 -17.00
N GLY A 72 1.16 1.73 -15.95
CA GLY A 72 0.10 0.87 -15.44
C GLY A 72 0.59 -0.23 -14.54
N GLN A 73 -0.33 -0.78 -13.77
CA GLN A 73 -0.02 -1.96 -12.99
C GLN A 73 -1.30 -2.75 -12.75
N ILE A 74 -1.15 -4.07 -12.68
CA ILE A 74 -2.26 -4.93 -12.28
C ILE A 74 -2.22 -5.03 -10.78
N ILE A 75 -3.32 -4.71 -10.10
CA ILE A 75 -3.28 -4.66 -8.65
C ILE A 75 -4.08 -5.79 -7.99
N MET A 76 -4.95 -6.48 -8.74
CA MET A 76 -5.64 -7.68 -8.20
C MET A 76 -5.74 -8.64 -9.37
N ASP A 77 -5.35 -9.91 -9.13
CA ASP A 77 -5.35 -10.94 -10.17
C ASP A 77 -5.58 -12.25 -9.45
N TYR A 78 -6.75 -12.85 -9.66
CA TYR A 78 -7.07 -14.18 -9.10
C TYR A 78 -6.91 -15.22 -10.22
N PRO A 79 -6.62 -16.46 -9.84
CA PRO A 79 -6.38 -17.47 -10.87
C PRO A 79 -7.63 -18.08 -11.44
N ASP A 80 -7.44 -18.72 -12.60
CA ASP A 80 -8.37 -19.74 -13.05
C ASP A 80 -9.81 -19.24 -13.16
N LYS A 81 -9.99 -18.09 -13.82
CA LYS A 81 -11.31 -17.55 -14.16
C LYS A 81 -12.09 -17.09 -12.92
N SER A 82 -11.37 -16.92 -11.81
CA SER A 82 -11.91 -16.07 -10.71
C SER A 82 -11.67 -14.63 -11.11
N SER A 83 -12.66 -13.75 -11.02
CA SER A 83 -12.57 -12.40 -11.56
C SER A 83 -12.84 -11.32 -10.51
N VAL A 84 -12.13 -10.20 -10.67
CA VAL A 84 -12.52 -8.94 -10.02
C VAL A 84 -13.12 -8.07 -11.11
N ILE A 85 -14.30 -7.49 -10.85
CA ILE A 85 -15.08 -6.85 -11.88
C ILE A 85 -15.78 -5.66 -11.20
N ASP A 86 -15.67 -4.48 -11.82
CA ASP A 86 -16.39 -3.24 -11.47
C ASP A 86 -15.72 -2.51 -10.33
N THR A 87 -14.84 -1.53 -10.63
CA THR A 87 -14.13 -0.81 -9.61
C THR A 87 -14.72 0.55 -9.33
N THR A 88 -14.40 1.05 -8.14
CA THR A 88 -14.79 2.37 -7.75
C THR A 88 -13.67 2.99 -6.89
N LEU A 89 -13.50 4.30 -7.01
CA LEU A 89 -12.42 5.02 -6.33
C LEU A 89 -12.98 6.11 -5.40
N ILE A 90 -12.36 6.28 -4.23
CA ILE A 90 -12.68 7.40 -3.35
C ILE A 90 -11.48 7.59 -2.41
N GLN A 91 -11.32 8.72 -1.78
CA GLN A 91 -10.23 8.99 -0.86
C GLN A 91 -10.79 9.60 0.42
N ASP A 92 -10.15 9.31 1.54
CA ASP A 92 -10.43 9.96 2.78
C ASP A 92 -9.50 11.15 2.87
N ASP A 93 -10.10 12.32 2.85
CA ASP A 93 -9.31 13.57 2.93
C ASP A 93 -8.53 13.67 4.24
N GLU A 94 -9.09 13.16 5.33
CA GLU A 94 -8.49 13.32 6.65
CA GLU A 94 -8.51 13.28 6.68
C GLU A 94 -7.14 12.61 6.71
N THR A 95 -7.10 11.39 6.18
CA THR A 95 -5.92 10.52 6.30
C THR A 95 -5.07 10.48 5.05
N GLY A 96 -5.62 10.93 3.92
CA GLY A 96 -4.96 10.83 2.62
C GLY A 96 -4.98 9.42 2.04
N ARG A 97 -5.77 8.52 2.60
CA ARG A 97 -5.85 7.14 2.13
C ARG A 97 -6.81 7.05 0.95
N ILE A 98 -6.37 6.44 -0.14
CA ILE A 98 -7.20 6.23 -1.32
C ILE A 98 -7.74 4.80 -1.26
N PHE A 99 -9.02 4.63 -1.51
CA PHE A 99 -9.68 3.35 -1.54
C PHE A 99 -10.08 3.01 -2.96
N LEU A 100 -9.92 1.73 -3.30
CA LEU A 100 -10.47 1.16 -4.51
C LEU A 100 -11.24 -0.08 -4.05
N LEU A 101 -12.52 -0.14 -4.42
CA LEU A 101 -13.33 -1.32 -4.11
C LEU A 101 -13.75 -1.98 -5.40
N VAL A 102 -14.00 -3.28 -5.33
CA VAL A 102 -14.33 -4.04 -6.54
C VAL A 102 -15.18 -5.24 -6.13
N THR A 103 -15.95 -5.79 -7.05
CA THR A 103 -16.66 -7.04 -6.80
C THR A 103 -15.77 -8.22 -7.22
N HIS A 104 -15.77 -9.25 -6.39
CA HIS A 104 -14.96 -10.45 -6.63
C HIS A 104 -15.86 -11.68 -6.69
N PHE A 105 -15.57 -12.56 -7.63
CA PHE A 105 -16.25 -13.85 -7.74
C PHE A 105 -15.24 -14.99 -7.84
N PRO A 106 -15.45 -16.07 -7.10
CA PRO A 106 -14.72 -17.32 -7.41
C PRO A 106 -14.99 -17.80 -8.83
N SER A 107 -14.12 -18.68 -9.30
CA SER A 107 -14.29 -19.27 -10.61
C SER A 107 -15.70 -19.89 -10.73
N LYS A 108 -16.35 -19.65 -11.88
CA LYS A 108 -17.65 -20.20 -12.27
C LYS A 108 -18.80 -19.29 -11.84
N TYR A 109 -18.54 -18.22 -11.08
CA TYR A 109 -19.62 -17.38 -10.57
C TYR A 109 -19.60 -15.98 -11.17
N GLY A 110 -20.79 -15.41 -11.22
CA GLY A 110 -20.98 -14.02 -11.64
C GLY A 110 -22.33 -13.52 -11.17
N PHE A 111 -22.74 -12.39 -11.74
CA PHE A 111 -23.93 -11.69 -11.27
C PHE A 111 -25.14 -12.62 -11.19
N TRP A 112 -25.37 -13.48 -12.20
CA TRP A 112 -26.65 -14.14 -12.30
C TRP A 112 -26.73 -15.39 -11.47
N ASN A 113 -25.60 -16.03 -11.16
CA ASN A 113 -25.63 -17.29 -10.41
C ASN A 113 -25.03 -17.17 -9.03
N ALA A 114 -24.84 -15.95 -8.52
CA ALA A 114 -24.30 -15.77 -7.20
C ALA A 114 -25.19 -16.43 -6.18
N GLY A 115 -24.58 -17.15 -5.24
CA GLY A 115 -25.34 -17.80 -4.19
C GLY A 115 -25.76 -16.82 -3.09
N LEU A 116 -26.69 -17.26 -2.23
CA LEU A 116 -27.22 -16.41 -1.17
C LEU A 116 -26.18 -16.14 -0.07
N GLY A 117 -26.14 -14.93 0.39
CA GLY A 117 -25.49 -14.61 1.66
C GLY A 117 -24.04 -14.20 1.51
N SER A 118 -23.43 -13.99 2.66
CA SER A 118 -22.10 -13.38 2.74
C SER A 118 -20.95 -14.34 2.46
N GLY A 119 -21.19 -15.65 2.61
CA GLY A 119 -20.07 -16.59 2.58
C GLY A 119 -19.30 -16.70 3.86
N PHE A 120 -19.75 -15.98 4.92
CA PHE A 120 -19.17 -16.05 6.25
C PHE A 120 -20.15 -16.68 7.24
N LYS A 121 -19.62 -17.16 8.34
CA LYS A 121 -20.42 -17.79 9.42
C LYS A 121 -19.93 -17.21 10.74
N ASN A 122 -20.85 -16.98 11.67
CA ASN A 122 -20.49 -16.55 12.97
C ASN A 122 -20.10 -17.75 13.85
N ILE A 123 -18.90 -17.75 14.42
CA ILE A 123 -18.52 -18.75 15.43
C ILE A 123 -18.04 -17.99 16.64
N ASP A 124 -18.74 -18.18 17.75
CA ASP A 124 -18.38 -17.61 19.05
C ASP A 124 -18.16 -16.08 18.97
N GLY A 125 -18.98 -15.43 18.15
CA GLY A 125 -19.04 -13.99 18.13
C GLY A 125 -18.14 -13.30 17.12
N LYS A 126 -17.56 -14.04 16.17
CA LYS A 126 -16.81 -13.40 15.08
CA LYS A 126 -16.71 -13.49 15.10
C LYS A 126 -17.17 -14.10 13.78
N GLU A 127 -17.17 -13.34 12.70
CA GLU A 127 -17.50 -13.85 11.37
C GLU A 127 -16.26 -14.39 10.69
N TYR A 128 -16.39 -15.61 10.20
CA TYR A 128 -15.29 -16.30 9.53
C TYR A 128 -15.69 -16.79 8.13
N LEU A 129 -14.77 -16.67 7.16
CA LEU A 129 -15.06 -17.14 5.83
C LEU A 129 -15.23 -18.65 5.85
N CYS A 130 -16.25 -19.14 5.15
CA CYS A 130 -16.47 -20.58 5.07
C CYS A 130 -15.73 -21.17 3.87
N LEU A 131 -15.28 -22.43 4.02
CA LEU A 131 -14.75 -23.19 2.90
C LEU A 131 -15.46 -24.55 2.87
N TYR A 132 -15.49 -25.13 1.68
CA TYR A 132 -16.21 -26.40 1.50
C TYR A 132 -15.29 -27.36 0.80
N ASP A 133 -15.34 -28.63 1.23
CA ASP A 133 -14.58 -29.71 0.58
C ASP A 133 -15.48 -30.41 -0.42
N SER A 134 -14.93 -31.46 -1.04
CA SER A 134 -15.63 -32.13 -2.15
C SER A 134 -16.92 -32.81 -1.70
N SER A 135 -17.02 -33.09 -0.41
CA SER A 135 -18.20 -33.76 0.13
C SER A 135 -19.20 -32.72 0.60
N GLY A 136 -18.85 -31.44 0.56
CA GLY A 136 -19.74 -30.36 1.02
C GLY A 136 -19.58 -30.07 2.50
N LYS A 137 -18.64 -30.70 3.20
CA LYS A 137 -18.40 -30.33 4.59
CA LYS A 137 -18.35 -30.34 4.59
C LYS A 137 -17.86 -28.91 4.68
N GLU A 138 -18.25 -28.22 5.75
CA GLU A 138 -17.98 -26.82 5.94
C GLU A 138 -16.85 -26.62 6.93
N PHE A 139 -15.92 -25.77 6.54
CA PHE A 139 -14.72 -25.41 7.33
C PHE A 139 -14.79 -23.88 7.52
N THR A 140 -14.05 -23.36 8.47
CA THR A 140 -13.97 -21.91 8.64
C THR A 140 -12.51 -21.47 8.64
N VAL A 141 -12.30 -20.25 8.17
CA VAL A 141 -10.98 -19.62 8.19
C VAL A 141 -10.92 -18.66 9.37
N ARG A 142 -10.10 -18.98 10.37
CA ARG A 142 -10.02 -18.17 11.57
C ARG A 142 -8.60 -17.62 11.68
N GLU A 143 -8.43 -16.31 11.46
CA GLU A 143 -7.07 -15.77 11.41
CA GLU A 143 -7.10 -15.69 11.31
C GLU A 143 -6.22 -16.53 10.40
N ASN A 144 -6.79 -16.81 9.23
CA ASN A 144 -6.08 -17.47 8.12
C ASN A 144 -5.68 -18.93 8.38
N VAL A 145 -6.26 -19.52 9.41
CA VAL A 145 -6.03 -20.93 9.71
C VAL A 145 -7.35 -21.64 9.49
N VAL A 146 -7.33 -22.76 8.76
CA VAL A 146 -8.57 -23.45 8.46
C VAL A 146 -8.90 -24.45 9.54
N TYR A 147 -10.14 -24.36 10.07
CA TYR A 147 -10.68 -25.27 11.08
C TYR A 147 -11.81 -26.08 10.48
N ASP A 148 -11.90 -27.34 10.92
CA ASP A 148 -13.00 -28.18 10.47
C ASP A 148 -14.26 -27.89 11.26
N LYS A 149 -15.34 -28.63 10.95
CA LYS A 149 -16.65 -28.35 11.54
C LYS A 149 -16.67 -28.59 13.04
N ASP A 150 -15.71 -29.35 13.54
CA ASP A 150 -15.62 -29.63 14.98
C ASP A 150 -14.60 -28.74 15.69
N SER A 151 -14.16 -27.70 14.98
CA SER A 151 -13.19 -26.73 15.51
C SER A 151 -11.80 -27.31 15.78
N ASN A 152 -11.46 -28.34 15.03
CA ASN A 152 -10.08 -28.83 15.00
C ASN A 152 -9.27 -28.06 13.96
N LYS A 153 -8.04 -27.64 14.31
CA LYS A 153 -7.15 -27.03 13.34
CA LYS A 153 -7.15 -27.04 13.31
C LYS A 153 -6.83 -28.09 12.27
N THR A 154 -6.84 -27.70 10.99
CA THR A 154 -6.42 -28.56 9.90
C THR A 154 -4.98 -28.24 9.53
N GLU A 155 -4.48 -28.84 8.46
CA GLU A 155 -3.15 -28.49 7.92
C GLU A 155 -3.15 -27.34 6.95
N TYR A 156 -4.32 -26.72 6.76
CA TYR A 156 -4.46 -25.69 5.75
C TYR A 156 -4.48 -24.29 6.37
N THR A 157 -3.93 -23.33 5.61
CA THR A 157 -4.03 -21.92 5.92
C THR A 157 -4.34 -21.20 4.61
N THR A 158 -4.71 -19.91 4.69
CA THR A 158 -4.99 -19.09 3.56
C THR A 158 -4.23 -17.77 3.65
N ASN A 159 -4.28 -16.99 2.56
CA ASN A 159 -3.93 -15.58 2.69
C ASN A 159 -5.08 -14.73 2.11
N ALA A 160 -4.87 -13.42 2.13
CA ALA A 160 -5.92 -12.48 1.73
C ALA A 160 -6.31 -12.64 0.28
N LEU A 161 -5.44 -13.19 -0.56
CA LEU A 161 -5.71 -13.45 -1.94
C LEU A 161 -6.36 -14.79 -2.17
N GLY A 162 -6.58 -15.57 -1.11
CA GLY A 162 -7.22 -16.87 -1.25
C GLY A 162 -6.24 -18.00 -1.54
N ASP A 163 -4.92 -17.74 -1.56
CA ASP A 163 -4.00 -18.84 -1.75
C ASP A 163 -4.21 -19.83 -0.61
N LEU A 164 -4.08 -21.14 -0.94
CA LEU A 164 -4.36 -22.19 -0.01
C LEU A 164 -3.05 -22.96 0.22
N PHE A 165 -2.60 -22.99 1.48
CA PHE A 165 -1.30 -23.57 1.82
C PHE A 165 -1.54 -24.80 2.67
N LYS A 166 -0.80 -25.88 2.34
CA LYS A 166 -0.83 -27.08 3.12
C LYS A 166 0.49 -27.15 3.83
N ASN A 167 0.47 -27.07 5.15
CA ASN A 167 1.69 -27.01 5.93
C ASN A 167 2.67 -25.92 5.40
N GLY A 168 2.11 -24.75 5.02
CA GLY A 168 2.97 -23.68 4.55
C GLY A 168 3.36 -23.69 3.08
N THR A 169 2.96 -24.72 2.32
CA THR A 169 3.31 -24.82 0.90
C THR A 169 2.05 -24.54 0.08
N LYS A 170 2.14 -23.60 -0.86
CA LYS A 170 0.95 -23.29 -1.66
C LYS A 170 0.59 -24.44 -2.54
N ILE A 171 -0.67 -24.86 -2.46
CA ILE A 171 -1.16 -25.92 -3.33
C ILE A 171 -2.23 -25.52 -4.29
N ASP A 172 -2.96 -24.43 -4.04
CA ASP A 172 -4.05 -24.00 -4.91
C ASP A 172 -4.53 -22.66 -4.38
N ASN A 173 -5.75 -22.27 -4.74
CA ASN A 173 -6.33 -21.03 -4.29
C ASN A 173 -7.82 -21.30 -4.15
N ILE A 174 -8.40 -20.85 -3.04
CA ILE A 174 -9.81 -21.18 -2.71
C ILE A 174 -10.84 -20.63 -3.69
N ASN A 175 -10.38 -19.79 -4.62
CA ASN A 175 -11.23 -19.20 -5.67
C ASN A 175 -11.16 -19.95 -7.00
N SER A 176 -10.30 -20.96 -7.08
CA SER A 176 -10.12 -21.66 -8.33
C SER A 176 -11.17 -22.76 -8.52
N SER A 177 -11.12 -23.39 -9.71
CA SER A 177 -12.01 -24.50 -10.00
C SER A 177 -11.46 -25.83 -9.50
N THR A 178 -10.24 -25.87 -8.97
CA THR A 178 -9.58 -27.13 -8.62
C THR A 178 -9.25 -27.29 -7.15
N ALA A 179 -9.45 -26.28 -6.33
CA ALA A 179 -8.91 -26.35 -4.98
C ALA A 179 -9.65 -27.41 -4.16
N PRO A 180 -8.94 -28.06 -3.23
CA PRO A 180 -9.63 -28.99 -2.33
C PRO A 180 -10.55 -28.34 -1.32
N LEU A 181 -10.35 -27.05 -1.05
CA LEU A 181 -11.26 -26.27 -0.21
C LEU A 181 -11.59 -25.03 -1.01
N LYS A 182 -12.87 -24.71 -1.16
CA LYS A 182 -13.33 -23.58 -2.00
C LYS A 182 -14.25 -22.69 -1.16
N ALA A 183 -14.16 -21.38 -1.42
CA ALA A 183 -15.13 -20.42 -0.90
C ALA A 183 -16.50 -20.65 -1.49
N LYS A 184 -17.53 -20.14 -0.83
CA LYS A 184 -18.86 -20.17 -1.39
C LYS A 184 -18.88 -19.42 -2.73
N GLY A 185 -19.60 -19.98 -3.69
CA GLY A 185 -19.76 -19.34 -4.97
C GLY A 185 -20.77 -18.21 -4.92
N THR A 186 -20.29 -16.98 -4.71
CA THR A 186 -21.12 -15.81 -4.65
C THR A 186 -20.26 -14.60 -4.87
N SER A 187 -20.89 -13.42 -4.85
CA SER A 187 -20.13 -12.18 -4.92
C SER A 187 -19.52 -11.85 -3.55
N TYR A 188 -18.36 -11.19 -3.62
CA TYR A 188 -17.72 -10.61 -2.44
C TYR A 188 -17.31 -9.17 -2.77
N ILE A 189 -17.42 -8.28 -1.83
CA ILE A 189 -16.90 -6.90 -1.96
CA ILE A 189 -16.84 -6.96 -2.07
C ILE A 189 -15.45 -6.92 -1.42
N ASN A 190 -14.50 -6.54 -2.26
CA ASN A 190 -13.11 -6.38 -1.86
C ASN A 190 -12.77 -4.89 -1.77
N LEU A 191 -11.87 -4.57 -0.86
CA LEU A 191 -11.36 -3.22 -0.69
CA LEU A 191 -11.37 -3.23 -0.64
C LEU A 191 -9.85 -3.30 -0.62
N VAL A 192 -9.19 -2.42 -1.39
CA VAL A 192 -7.76 -2.19 -1.27
C VAL A 192 -7.55 -0.70 -1.03
N TYR A 193 -6.38 -0.35 -0.52
CA TYR A 193 -6.11 1.05 -0.21
C TYR A 193 -4.66 1.38 -0.49
N SER A 194 -4.39 2.68 -0.72
CA SER A 194 -3.08 3.23 -1.00
C SER A 194 -2.87 4.41 -0.09
N ASP A 195 -1.70 4.42 0.56
CA ASP A 195 -1.30 5.56 1.39
C ASP A 195 -0.20 6.38 0.74
N ASP A 196 0.12 6.10 -0.53
CA ASP A 196 1.18 6.81 -1.22
C ASP A 196 0.67 7.34 -2.57
N ASP A 197 -0.57 7.79 -2.57
CA ASP A 197 -1.14 8.49 -3.71
C ASP A 197 -1.29 7.56 -4.91
N GLY A 198 -1.57 6.28 -4.63
CA GLY A 198 -1.83 5.31 -5.69
C GLY A 198 -0.64 4.58 -6.24
N LYS A 199 0.56 4.81 -5.71
CA LYS A 199 1.72 4.11 -6.21
C LYS A 199 1.73 2.62 -5.85
N THR A 200 1.32 2.33 -4.61
CA THR A 200 1.26 0.93 -4.12
C THR A 200 -0.07 0.72 -3.45
N TRP A 201 -0.51 -0.53 -3.46
CA TRP A 201 -1.86 -0.85 -2.97
C TRP A 201 -1.77 -2.03 -2.01
N SER A 202 -2.66 -2.07 -1.02
CA SER A 202 -2.77 -3.18 -0.10
C SER A 202 -3.28 -4.46 -0.81
N GLU A 203 -3.25 -5.58 -0.09
CA GLU A 203 -3.98 -6.75 -0.55
CA GLU A 203 -3.99 -6.74 -0.59
C GLU A 203 -5.46 -6.59 -0.17
N PRO A 204 -6.32 -7.33 -0.80
CA PRO A 204 -7.69 -7.14 -0.58
C PRO A 204 -8.20 -7.50 0.81
N GLN A 205 -9.09 -6.64 1.28
CA GLN A 205 -9.90 -6.95 2.46
CA GLN A 205 -9.89 -6.83 2.47
C GLN A 205 -11.27 -7.31 2.00
N ASN A 206 -11.74 -8.45 2.46
CA ASN A 206 -13.06 -8.97 2.10
C ASN A 206 -14.07 -8.50 3.12
N ILE A 207 -14.88 -7.53 2.71
CA ILE A 207 -15.77 -6.88 3.68
C ILE A 207 -17.20 -7.41 3.60
N ASN A 208 -17.40 -8.57 2.96
CA ASN A 208 -18.75 -9.07 2.80
C ASN A 208 -19.45 -9.25 4.14
N PHE A 209 -18.70 -9.66 5.17
CA PHE A 209 -19.33 -9.92 6.47
C PHE A 209 -19.90 -8.64 7.08
N GLN A 210 -19.42 -7.49 6.67
CA GLN A 210 -19.92 -6.22 7.21
CA GLN A 210 -19.86 -6.17 7.14
C GLN A 210 -21.13 -5.69 6.47
N VAL A 211 -21.24 -5.97 5.17
CA VAL A 211 -22.22 -5.29 4.31
C VAL A 211 -23.25 -6.19 3.65
N LYS A 212 -23.04 -7.50 3.58
CA LYS A 212 -23.94 -8.34 2.81
C LYS A 212 -24.91 -9.09 3.69
N LYS A 213 -26.20 -8.91 3.42
CA LYS A 213 -27.30 -9.54 4.17
CA LYS A 213 -27.26 -9.56 4.20
CA LYS A 213 -27.22 -9.58 4.24
C LYS A 213 -27.53 -11.00 3.74
N ASP A 214 -28.17 -11.79 4.60
CA ASP A 214 -28.31 -13.20 4.30
CA ASP A 214 -28.40 -13.20 4.34
C ASP A 214 -29.26 -13.47 3.14
N TRP A 215 -30.09 -12.49 2.79
CA TRP A 215 -31.08 -12.63 1.72
C TRP A 215 -30.62 -12.02 0.40
N MET A 216 -29.40 -11.45 0.36
CA MET A 216 -28.86 -10.92 -0.89
C MET A 216 -28.11 -12.04 -1.62
N LYS A 217 -28.29 -12.10 -2.93
CA LYS A 217 -27.54 -13.05 -3.77
C LYS A 217 -26.33 -12.34 -4.34
N PHE A 218 -26.53 -11.41 -5.26
CA PHE A 218 -25.45 -10.53 -5.66
C PHE A 218 -25.44 -9.30 -4.77
N LEU A 219 -24.23 -8.85 -4.41
CA LEU A 219 -24.03 -7.50 -3.88
C LEU A 219 -22.73 -7.03 -4.50
N GLY A 220 -22.78 -5.94 -5.27
CA GLY A 220 -21.60 -5.52 -5.97
C GLY A 220 -21.43 -4.03 -5.96
N ILE A 221 -20.19 -3.63 -6.18
CA ILE A 221 -19.85 -2.25 -6.46
C ILE A 221 -20.57 -1.74 -7.68
N ALA A 222 -21.07 -0.50 -7.58
CA ALA A 222 -21.62 0.20 -8.75
C ALA A 222 -20.45 1.05 -9.28
N PRO A 223 -19.90 0.71 -10.45
CA PRO A 223 -18.58 1.24 -10.77
C PRO A 223 -18.56 2.74 -11.01
N GLY A 224 -17.37 3.30 -10.75
CA GLY A 224 -17.12 4.74 -10.97
C GLY A 224 -16.41 5.27 -9.75
N ARG A 225 -17.12 6.06 -8.95
CA ARG A 225 -16.54 6.72 -7.79
C ARG A 225 -17.48 6.73 -6.60
N GLY A 226 -16.90 6.98 -5.44
CA GLY A 226 -17.65 7.32 -4.27
C GLY A 226 -17.56 8.81 -3.95
N ILE A 227 -18.06 9.19 -2.77
CA ILE A 227 -17.92 10.57 -2.26
C ILE A 227 -17.52 10.51 -0.81
N GLN A 228 -17.02 11.64 -0.31
CA GLN A 228 -16.88 11.83 1.13
C GLN A 228 -17.73 13.06 1.47
N ILE A 229 -18.68 12.95 2.40
CA ILE A 229 -19.62 14.02 2.68
C ILE A 229 -18.86 15.21 3.25
N LYS A 230 -19.24 16.40 2.79
CA LYS A 230 -18.61 17.68 3.11
CA LYS A 230 -18.54 17.60 3.24
C LYS A 230 -19.36 18.48 4.16
N ASN A 231 -20.68 18.38 4.16
CA ASN A 231 -21.53 19.31 4.93
C ASN A 231 -22.41 18.55 5.88
N GLY A 232 -22.66 19.17 7.03
CA GLY A 232 -23.60 18.63 7.99
C GLY A 232 -23.04 17.59 8.95
N GLU A 233 -23.92 16.91 9.68
CA GLU A 233 -23.41 16.05 10.75
C GLU A 233 -22.74 14.79 10.25
N HIS A 234 -22.94 14.41 8.97
CA HIS A 234 -22.24 13.24 8.44
C HIS A 234 -20.96 13.61 7.71
N LYS A 235 -20.46 14.84 7.91
CA LYS A 235 -19.20 15.26 7.31
CA LYS A 235 -19.24 15.22 7.23
C LYS A 235 -18.13 14.23 7.61
N GLY A 236 -17.40 13.80 6.59
CA GLY A 236 -16.35 12.81 6.75
C GLY A 236 -16.80 11.42 6.35
N ARG A 237 -18.10 11.17 6.27
CA ARG A 237 -18.58 9.83 5.92
C ARG A 237 -18.15 9.54 4.50
N ILE A 238 -17.57 8.35 4.31
CA ILE A 238 -17.21 7.87 2.97
C ILE A 238 -18.35 7.01 2.47
N VAL A 239 -18.86 7.35 1.26
CA VAL A 239 -20.09 6.75 0.70
C VAL A 239 -19.74 6.11 -0.64
N VAL A 240 -20.05 4.81 -0.75
CA VAL A 240 -19.70 4.05 -1.95
C VAL A 240 -20.99 3.42 -2.49
N PRO A 241 -21.41 3.85 -3.69
CA PRO A 241 -22.57 3.18 -4.32
C PRO A 241 -22.39 1.68 -4.59
N VAL A 242 -23.49 0.96 -4.39
CA VAL A 242 -23.55 -0.51 -4.61
C VAL A 242 -24.93 -0.84 -5.13
N TYR A 243 -25.12 -2.12 -5.48
CA TYR A 243 -26.48 -2.62 -5.75
C TYR A 243 -26.47 -4.11 -5.49
N TYR A 244 -27.67 -4.66 -5.30
CA TYR A 244 -27.79 -6.08 -4.94
C TYR A 244 -29.02 -6.68 -5.53
N THR A 245 -29.02 -8.01 -5.59
CA THR A 245 -30.22 -8.78 -5.85
C THR A 245 -30.72 -9.47 -4.64
N ASN A 246 -32.06 -9.61 -4.59
CA ASN A 246 -32.70 -10.37 -3.54
C ASN A 246 -32.86 -11.82 -3.97
N GLU A 247 -33.58 -12.59 -3.13
CA GLU A 247 -33.70 -14.03 -3.40
CA GLU A 247 -33.79 -14.03 -3.34
C GLU A 247 -34.45 -14.29 -4.70
N LYS A 248 -35.28 -13.35 -5.13
CA LYS A 248 -35.99 -13.46 -6.41
C LYS A 248 -35.16 -12.91 -7.59
N GLY A 249 -33.94 -12.47 -7.32
CA GLY A 249 -33.11 -12.02 -8.41
C GLY A 249 -33.31 -10.57 -8.82
N LYS A 250 -34.15 -9.80 -8.10
CA LYS A 250 -34.46 -8.43 -8.54
C LYS A 250 -33.53 -7.43 -7.87
N GLN A 251 -33.14 -6.43 -8.66
CA GLN A 251 -32.04 -5.52 -8.31
C GLN A 251 -32.53 -4.24 -7.63
N SER A 252 -31.78 -3.85 -6.59
CA SER A 252 -31.99 -2.61 -5.86
C SER A 252 -30.65 -1.95 -5.55
N SER A 253 -30.62 -0.59 -5.66
CA SER A 253 -29.42 0.22 -5.38
C SER A 253 -29.31 0.49 -3.88
N ALA A 254 -28.11 0.84 -3.45
CA ALA A 254 -27.92 1.36 -2.09
C ALA A 254 -26.55 2.01 -2.04
N VAL A 255 -26.13 2.43 -0.86
CA VAL A 255 -24.74 2.78 -0.64
C VAL A 255 -24.24 2.02 0.55
N ILE A 256 -22.93 1.74 0.56
CA ILE A 256 -22.24 1.35 1.80
C ILE A 256 -21.49 2.60 2.26
N TYR A 257 -21.24 2.65 3.56
CA TYR A 257 -20.56 3.83 4.07
C TYR A 257 -19.74 3.51 5.28
N SER A 258 -18.78 4.41 5.54
CA SER A 258 -17.89 4.27 6.68
C SER A 258 -17.70 5.62 7.34
N ASP A 259 -17.84 5.62 8.67
CA ASP A 259 -17.61 6.82 9.49
C ASP A 259 -16.27 6.76 10.21
N ASP A 260 -15.49 5.71 10.01
CA ASP A 260 -14.25 5.55 10.69
C ASP A 260 -13.13 5.34 9.73
N SER A 261 -13.13 6.15 8.65
CA SER A 261 -11.99 6.20 7.75
C SER A 261 -11.73 4.88 7.04
N GLY A 262 -12.80 4.11 6.81
CA GLY A 262 -12.74 2.87 6.02
C GLY A 262 -12.46 1.62 6.82
N LYS A 263 -12.35 1.71 8.14
CA LYS A 263 -12.12 0.53 8.95
CA LYS A 263 -12.13 0.52 8.97
C LYS A 263 -13.36 -0.39 8.98
N ASN A 264 -14.55 0.21 9.08
CA ASN A 264 -15.79 -0.55 9.14
C ASN A 264 -16.77 0.07 8.16
N TRP A 265 -17.58 -0.79 7.57
CA TRP A 265 -18.57 -0.40 6.61
C TRP A 265 -19.92 -0.94 6.96
N THR A 266 -20.96 -0.20 6.60
CA THR A 266 -22.33 -0.60 6.76
CA THR A 266 -22.33 -0.71 6.71
C THR A 266 -23.11 -0.32 5.46
N ILE A 267 -24.14 -1.12 5.17
CA ILE A 267 -24.99 -0.83 4.04
C ILE A 267 -26.24 -0.09 4.52
N GLY A 268 -26.64 0.95 3.82
CA GLY A 268 -27.91 1.61 4.10
C GLY A 268 -29.08 0.87 3.48
N GLU A 269 -30.29 1.35 3.71
CA GLU A 269 -31.45 0.87 2.95
C GLU A 269 -31.34 1.25 1.48
N SER A 270 -32.04 0.50 0.65
CA SER A 270 -32.19 0.91 -0.72
C SER A 270 -33.28 2.00 -0.84
N PRO A 271 -33.23 2.82 -1.90
CA PRO A 271 -34.42 3.60 -2.25
C PRO A 271 -35.62 2.70 -2.57
N ASN A 272 -35.43 1.42 -2.87
CA ASN A 272 -36.56 0.54 -3.01
C ASN A 272 -37.18 0.08 -1.71
N ASP A 273 -36.55 0.36 -0.56
CA ASP A 273 -37.12 -0.01 0.74
C ASP A 273 -38.21 0.97 1.13
N ASN A 274 -39.44 0.48 1.27
CA ASN A 274 -40.60 1.36 1.53
C ASN A 274 -40.75 2.44 0.47
N ARG A 275 -40.39 2.11 -0.75
CA ARG A 275 -40.58 3.04 -1.86
C ARG A 275 -42.05 3.09 -2.19
N LYS A 276 -42.52 4.31 -2.44
CA LYS A 276 -43.90 4.53 -2.92
C LYS A 276 -43.84 4.70 -4.44
N LEU A 277 -44.34 3.71 -5.16
CA LEU A 277 -44.36 3.79 -6.61
C LEU A 277 -45.35 4.87 -7.03
N GLU A 278 -45.39 5.13 -8.34
CA GLU A 278 -46.10 6.30 -8.84
C GLU A 278 -47.53 6.44 -8.32
N ASN A 279 -48.28 5.34 -8.30
CA ASN A 279 -49.70 5.41 -7.92
C ASN A 279 -49.94 4.91 -6.52
N GLY A 280 -48.88 4.67 -5.75
CA GLY A 280 -49.05 4.47 -4.32
C GLY A 280 -48.69 3.10 -3.77
N LYS A 281 -48.39 2.13 -4.64
CA LYS A 281 -47.94 0.83 -4.14
C LYS A 281 -46.64 0.97 -3.38
N ILE A 282 -46.53 0.27 -2.27
CA ILE A 282 -45.30 0.31 -1.47
C ILE A 282 -44.54 -0.99 -1.66
N ILE A 283 -43.25 -0.90 -1.99
CA ILE A 283 -42.44 -2.10 -2.17
C ILE A 283 -41.27 -2.09 -1.20
N ASN A 284 -40.52 -3.17 -1.22
CA ASN A 284 -39.23 -3.15 -0.53
CA ASN A 284 -39.30 -3.31 -0.42
C ASN A 284 -38.25 -4.03 -1.24
N SER A 285 -36.96 -3.77 -1.04
CA SER A 285 -35.95 -4.45 -1.83
C SER A 285 -35.84 -5.95 -1.50
N LYS A 286 -36.25 -6.35 -0.30
CA LYS A 286 -36.18 -7.78 0.06
C LYS A 286 -37.23 -8.57 -0.64
N THR A 287 -38.39 -7.95 -0.92
CA THR A 287 -39.51 -8.71 -1.47
C THR A 287 -39.79 -8.36 -2.93
N LEU A 288 -39.08 -7.38 -3.50
CA LEU A 288 -39.36 -6.95 -4.87
C LEU A 288 -39.41 -8.13 -5.82
N SER A 289 -40.51 -8.30 -6.55
CA SER A 289 -40.71 -9.50 -7.37
C SER A 289 -40.94 -9.15 -8.82
N ASP A 290 -40.95 -7.86 -9.16
CA ASP A 290 -41.22 -7.35 -10.51
CA ASP A 290 -41.13 -7.50 -10.58
C ASP A 290 -39.97 -6.69 -11.10
N ASP A 291 -39.85 -6.72 -12.41
CA ASP A 291 -38.71 -6.09 -13.06
C ASP A 291 -38.81 -4.59 -13.09
N ALA A 292 -40.02 -4.06 -13.25
CA ALA A 292 -40.14 -2.66 -13.60
C ALA A 292 -39.53 -1.68 -12.61
N PRO A 293 -39.69 -1.89 -11.28
CA PRO A 293 -39.11 -0.95 -10.33
C PRO A 293 -37.64 -1.13 -9.98
N GLN A 294 -36.95 -2.04 -10.66
CA GLN A 294 -35.56 -2.28 -10.28
C GLN A 294 -34.71 -1.03 -10.37
N LEU A 295 -33.76 -0.93 -9.45
CA LEU A 295 -32.81 0.18 -9.41
C LEU A 295 -31.45 -0.50 -9.36
N THR A 296 -30.47 -0.06 -10.18
CA THR A 296 -29.29 -0.92 -10.29
C THR A 296 -28.03 -0.10 -10.03
N GLU A 297 -27.08 -0.08 -10.95
CA GLU A 297 -25.88 0.72 -10.73
C GLU A 297 -26.26 2.17 -10.51
N CYS A 298 -25.45 2.87 -9.76
CA CYS A 298 -25.77 4.20 -9.35
C CYS A 298 -24.52 4.99 -8.99
N GLN A 299 -24.67 6.31 -8.91
CA GLN A 299 -23.62 7.20 -8.45
C GLN A 299 -24.30 8.29 -7.62
N VAL A 300 -23.55 8.87 -6.68
CA VAL A 300 -24.15 9.75 -5.67
C VAL A 300 -23.47 11.09 -5.66
N VAL A 301 -24.26 12.13 -5.39
CA VAL A 301 -23.70 13.47 -5.22
C VAL A 301 -24.35 14.13 -4.00
N GLU A 302 -23.73 15.21 -3.55
CA GLU A 302 -24.16 15.88 -2.33
C GLU A 302 -24.71 17.25 -2.65
N MET A 303 -25.80 17.62 -1.98
CA MET A 303 -26.39 18.95 -2.09
C MET A 303 -25.71 19.92 -1.13
N PRO A 304 -26.00 21.22 -1.27
CA PRO A 304 -25.31 22.21 -0.41
C PRO A 304 -25.41 21.96 1.09
N ASN A 305 -26.52 21.39 1.55
CA ASN A 305 -26.74 21.21 2.98
C ASN A 305 -26.32 19.82 3.47
N GLY A 306 -25.78 18.98 2.59
CA GLY A 306 -25.39 17.61 2.95
C GLY A 306 -26.38 16.53 2.45
N GLN A 307 -27.56 16.93 1.98
CA GLN A 307 -28.50 15.95 1.45
C GLN A 307 -27.86 15.16 0.29
N LEU A 308 -28.15 13.85 0.18
CA LEU A 308 -27.58 13.05 -0.90
C LEU A 308 -28.61 12.83 -1.98
N LYS A 309 -28.10 12.73 -3.23
CA LYS A 309 -28.92 12.38 -4.40
C LYS A 309 -28.23 11.18 -5.06
N LEU A 310 -28.99 10.10 -5.20
CA LEU A 310 -28.50 8.87 -5.82
C LEU A 310 -29.12 8.78 -7.22
N PHE A 311 -28.24 8.85 -8.22
CA PHE A 311 -28.62 8.78 -9.63
C PHE A 311 -28.51 7.33 -10.06
N MET A 312 -29.57 6.76 -10.63
CA MET A 312 -29.64 5.28 -10.76
C MET A 312 -30.02 4.83 -12.15
N ARG A 313 -29.30 3.83 -12.62
CA ARG A 313 -29.72 3.02 -13.76
C ARG A 313 -30.98 2.26 -13.40
N ASN A 314 -31.89 2.17 -14.36
CA ASN A 314 -33.23 1.63 -14.05
C ASN A 314 -33.87 1.22 -15.38
N LEU A 315 -35.14 0.80 -15.35
CA LEU A 315 -35.80 0.27 -16.54
C LEU A 315 -36.86 1.19 -17.10
N SER A 316 -36.93 2.41 -16.61
CA SER A 316 -37.98 3.32 -17.09
C SER A 316 -37.65 3.97 -18.43
N GLY A 317 -36.40 3.92 -18.84
CA GLY A 317 -35.96 4.66 -20.01
C GLY A 317 -35.37 6.03 -19.73
N TYR A 318 -35.52 6.49 -18.48
CA TYR A 318 -35.08 7.84 -18.13
C TYR A 318 -34.36 7.76 -16.78
N LEU A 319 -33.58 8.80 -16.49
CA LEU A 319 -32.88 8.86 -15.22
C LEU A 319 -33.83 8.76 -14.02
N ASN A 320 -33.40 8.05 -12.98
CA ASN A 320 -34.12 8.09 -11.71
C ASN A 320 -33.19 8.63 -10.63
N ILE A 321 -33.79 9.38 -9.69
CA ILE A 321 -33.02 10.03 -8.64
C ILE A 321 -33.70 9.83 -7.30
N ALA A 322 -32.94 9.33 -6.31
CA ALA A 322 -33.42 9.18 -4.95
C ALA A 322 -32.76 10.21 -4.04
N THR A 323 -33.41 10.54 -2.92
CA THR A 323 -32.96 11.58 -2.01
C THR A 323 -32.79 11.01 -0.62
N SER A 324 -31.67 11.32 0.05
CA SER A 324 -31.48 10.89 1.45
C SER A 324 -31.22 12.06 2.35
N PHE A 325 -31.94 12.08 3.47
CA PHE A 325 -31.79 13.13 4.47
C PHE A 325 -30.85 12.71 5.61
N ASP A 326 -30.37 11.46 5.58
CA ASP A 326 -29.61 10.93 6.73
C ASP A 326 -28.30 10.29 6.28
N GLY A 327 -27.67 10.88 5.29
CA GLY A 327 -26.33 10.46 4.95
C GLY A 327 -26.27 9.09 4.29
N GLY A 328 -27.35 8.66 3.64
CA GLY A 328 -27.38 7.40 2.88
C GLY A 328 -27.93 6.23 3.70
N ALA A 329 -28.33 6.43 4.96
CA ALA A 329 -28.90 5.34 5.72
C ALA A 329 -30.30 4.94 5.21
N THR A 330 -31.08 5.94 4.77
CA THR A 330 -32.42 5.67 4.21
C THR A 330 -32.69 6.70 3.14
N TRP A 331 -33.75 6.47 2.39
CA TRP A 331 -34.12 7.37 1.29
C TRP A 331 -35.57 7.75 1.39
N ASP A 332 -35.89 8.94 0.90
CA ASP A 332 -37.28 9.38 0.77
C ASP A 332 -38.06 8.37 -0.07
N GLU A 333 -39.34 8.23 0.21
CA GLU A 333 -40.14 7.20 -0.45
C GLU A 333 -40.35 7.44 -1.95
N THR A 334 -40.14 8.69 -2.42
CA THR A 334 -40.38 8.96 -3.83
C THR A 334 -39.07 8.97 -4.61
N VAL A 335 -38.97 8.11 -5.61
CA VAL A 335 -37.89 8.14 -6.58
C VAL A 335 -38.37 8.96 -7.77
N GLU A 336 -37.64 10.02 -8.07
CA GLU A 336 -37.99 10.89 -9.17
C GLU A 336 -37.54 10.37 -10.52
N LYS A 337 -38.33 10.62 -11.55
CA LYS A 337 -37.96 10.27 -12.92
C LYS A 337 -37.71 11.58 -13.68
N ASP A 338 -36.55 11.72 -14.28
CA ASP A 338 -36.22 12.95 -15.00
C ASP A 338 -36.30 12.68 -16.51
N THR A 339 -37.42 13.10 -17.11
CA THR A 339 -37.65 12.76 -18.50
C THR A 339 -36.82 13.66 -19.45
N ASN A 340 -36.03 14.58 -18.90
CA ASN A 340 -35.05 15.29 -19.71
C ASN A 340 -33.81 14.50 -19.98
N VAL A 341 -33.63 13.36 -19.29
CA VAL A 341 -32.36 12.60 -19.35
C VAL A 341 -32.68 11.14 -19.69
N LEU A 342 -32.51 10.76 -20.96
CA LEU A 342 -32.67 9.38 -21.37
C LEU A 342 -31.66 8.51 -20.60
N GLU A 343 -32.05 7.27 -20.30
CA GLU A 343 -31.17 6.32 -19.59
C GLU A 343 -31.46 4.96 -20.23
N PRO A 344 -30.58 4.51 -21.16
CA PRO A 344 -30.86 3.30 -21.93
C PRO A 344 -30.59 1.97 -21.22
N TYR A 345 -30.50 1.99 -19.92
CA TYR A 345 -30.14 0.82 -19.07
C TYR A 345 -28.63 0.59 -19.17
N CYS A 346 -27.91 1.61 -18.69
CA CYS A 346 -26.47 1.64 -18.71
C CYS A 346 -25.98 2.42 -17.49
N GLN A 347 -24.74 2.12 -17.08
CA GLN A 347 -24.09 2.89 -16.05
C GLN A 347 -24.01 4.37 -16.46
N LEU A 348 -24.01 5.24 -15.44
CA LEU A 348 -23.88 6.67 -15.67
C LEU A 348 -22.83 7.23 -14.72
N SER A 349 -22.35 8.44 -14.98
CA SER A 349 -21.47 9.09 -14.03
C SER A 349 -22.04 10.47 -13.68
N VAL A 350 -21.95 10.84 -12.42
CA VAL A 350 -22.34 12.19 -11.97
C VAL A 350 -21.37 12.56 -10.87
N ILE A 351 -20.94 13.82 -10.86
CA ILE A 351 -20.00 14.34 -9.84
C ILE A 351 -20.44 15.75 -9.42
N ASN A 352 -20.11 16.13 -8.21
CA ASN A 352 -20.18 17.54 -7.82
C ASN A 352 -19.10 18.32 -8.55
N TYR A 353 -19.40 19.54 -8.90
CA TYR A 353 -18.42 20.48 -9.46
C TYR A 353 -18.08 21.54 -8.41
N SER A 354 -16.81 21.93 -8.30
CA SER A 354 -16.40 22.74 -7.15
C SER A 354 -16.75 24.21 -7.23
N GLN A 355 -17.08 24.72 -8.41
CA GLN A 355 -17.28 26.16 -8.63
C GLN A 355 -18.70 26.43 -9.05
N LYS A 356 -19.20 27.60 -8.71
CA LYS A 356 -20.55 28.00 -9.16
C LYS A 356 -20.55 28.13 -10.68
N VAL A 357 -21.70 27.86 -11.27
CA VAL A 357 -21.95 28.07 -12.69
C VAL A 357 -23.25 28.87 -12.77
N ASP A 358 -23.20 30.04 -13.42
CA ASP A 358 -24.39 30.89 -13.49
C ASP A 358 -24.96 31.21 -12.10
N GLY A 359 -24.09 31.33 -11.10
CA GLY A 359 -24.49 31.66 -9.73
C GLY A 359 -25.05 30.50 -8.95
N LYS A 360 -24.98 29.27 -9.48
CA LYS A 360 -25.62 28.13 -8.83
C LYS A 360 -24.61 27.03 -8.58
N ASP A 361 -24.86 26.23 -7.57
CA ASP A 361 -24.11 25.01 -7.40
C ASP A 361 -24.45 24.05 -8.53
N ALA A 362 -23.47 23.25 -8.93
CA ALA A 362 -23.64 22.44 -10.16
C ALA A 362 -23.10 21.04 -9.98
N VAL A 363 -23.64 20.15 -10.83
CA VAL A 363 -23.08 18.82 -11.01
C VAL A 363 -22.76 18.64 -12.49
N ILE A 364 -21.91 17.64 -12.74
CA ILE A 364 -21.57 17.27 -14.12
C ILE A 364 -22.01 15.81 -14.27
N PHE A 365 -22.63 15.51 -15.40
CA PHE A 365 -23.26 14.20 -15.63
C PHE A 365 -22.85 13.69 -16.99
N SER A 366 -22.64 12.37 -17.09
CA SER A 366 -22.29 11.71 -18.35
C SER A 366 -23.06 10.41 -18.51
N ASN A 367 -23.65 10.22 -19.69
CA ASN A 367 -24.23 8.89 -20.02
C ASN A 367 -24.53 8.91 -21.52
N PRO A 368 -25.01 7.79 -22.04
CA PRO A 368 -25.47 7.74 -23.43
C PRO A 368 -26.87 8.33 -23.54
N ASN A 369 -27.02 9.45 -24.27
CA ASN A 369 -28.30 10.14 -24.37
C ASN A 369 -29.12 9.53 -25.53
N ALA A 370 -29.66 8.33 -25.32
CA ALA A 370 -30.27 7.60 -26.39
C ALA A 370 -31.05 6.44 -25.80
N ARG A 371 -31.69 5.68 -26.68
N ARG A 371 -31.72 5.67 -26.65
CA ARG A 371 -32.34 4.43 -26.31
CA ARG A 371 -32.31 4.41 -26.21
C ARG A 371 -31.39 3.22 -26.54
C ARG A 371 -31.33 3.23 -26.28
N SER A 372 -30.11 3.52 -26.70
CA SER A 372 -29.03 2.52 -26.85
C SER A 372 -27.78 3.20 -26.30
N ARG A 373 -26.69 2.44 -26.25
CA ARG A 373 -25.41 2.91 -25.74
C ARG A 373 -24.70 3.68 -26.84
N SER A 374 -25.14 4.93 -27.03
CA SER A 374 -24.62 5.77 -28.10
C SER A 374 -24.87 7.23 -27.72
N ASN A 375 -24.34 8.16 -28.53
CA ASN A 375 -24.67 9.59 -28.38
C ASN A 375 -24.23 10.05 -27.00
N GLY A 376 -22.95 9.79 -26.67
CA GLY A 376 -22.44 10.09 -25.33
C GLY A 376 -22.48 11.59 -25.09
N THR A 377 -23.09 11.98 -23.98
CA THR A 377 -23.43 13.39 -23.72
C THR A 377 -23.05 13.77 -22.31
N VAL A 378 -22.37 14.92 -22.18
CA VAL A 378 -22.00 15.47 -20.89
C VAL A 378 -22.87 16.68 -20.60
N ARG A 379 -23.44 16.74 -19.40
CA ARG A 379 -24.37 17.78 -19.04
C ARG A 379 -23.89 18.51 -17.81
N ILE A 380 -24.26 19.78 -17.71
CA ILE A 380 -24.09 20.54 -16.47
C ILE A 380 -25.48 20.75 -15.89
N GLY A 381 -25.70 20.24 -14.67
CA GLY A 381 -26.97 20.40 -13.98
C GLY A 381 -26.84 21.42 -12.88
N LEU A 382 -27.64 22.47 -12.96
CA LEU A 382 -27.65 23.50 -11.91
C LEU A 382 -28.66 23.11 -10.83
N ILE A 383 -28.27 23.30 -9.56
CA ILE A 383 -29.12 22.91 -8.46
C ILE A 383 -29.96 24.11 -8.03
N ASN A 384 -31.26 23.89 -7.92
CA ASN A 384 -32.13 24.92 -7.38
C ASN A 384 -32.97 24.31 -6.29
N GLN A 385 -33.12 25.02 -5.19
CA GLN A 385 -34.11 24.62 -4.21
C GLN A 385 -35.48 25.11 -4.66
N VAL A 386 -36.45 24.22 -4.61
CA VAL A 386 -37.83 24.53 -4.98
C VAL A 386 -38.71 24.15 -3.77
N GLY A 387 -38.75 25.03 -2.77
CA GLY A 387 -39.53 24.74 -1.57
C GLY A 387 -38.97 23.62 -0.74
N THR A 388 -39.86 22.97 -0.03
CA THR A 388 -39.49 21.95 0.95
C THR A 388 -40.38 20.72 0.87
N TYR A 389 -39.88 19.59 1.39
CA TYR A 389 -40.73 18.42 1.61
C TYR A 389 -41.70 18.68 2.75
N GLU A 390 -42.67 17.79 2.92
CA GLU A 390 -43.62 17.93 4.04
C GLU A 390 -42.86 17.96 5.37
N ASN A 391 -41.75 17.22 5.44
CA ASN A 391 -40.96 17.16 6.67
C ASN A 391 -40.07 18.38 6.91
N GLY A 392 -40.17 19.38 6.03
CA GLY A 392 -39.41 20.62 6.20
C GLY A 392 -38.04 20.63 5.57
N GLU A 393 -37.54 19.49 5.07
CA GLU A 393 -36.22 19.45 4.42
C GLU A 393 -36.26 20.20 3.09
N PRO A 394 -35.15 20.80 2.69
CA PRO A 394 -35.15 21.44 1.37
C PRO A 394 -35.36 20.44 0.23
N LYS A 395 -36.10 20.87 -0.78
CA LYS A 395 -36.32 20.06 -1.97
C LYS A 395 -35.46 20.63 -3.09
N TYR A 396 -34.50 19.84 -3.57
CA TYR A 396 -33.59 20.27 -4.58
C TYR A 396 -33.93 19.62 -5.90
N GLU A 397 -33.81 20.42 -6.95
CA GLU A 397 -34.07 19.92 -8.30
CA GLU A 397 -34.13 20.01 -8.31
C GLU A 397 -32.96 20.36 -9.24
N PHE A 398 -32.77 19.56 -10.27
CA PHE A 398 -31.70 19.83 -11.25
C PHE A 398 -32.25 20.49 -12.51
N ASP A 399 -31.51 21.49 -12.99
CA ASP A 399 -31.82 22.13 -14.26
C ASP A 399 -30.68 21.80 -15.23
N TRP A 400 -30.96 20.92 -16.19
CA TRP A 400 -29.89 20.46 -17.12
C TRP A 400 -29.73 21.53 -18.19
N LYS A 401 -29.02 22.58 -17.83
CA LYS A 401 -29.01 23.81 -18.64
C LYS A 401 -28.07 23.67 -19.83
N TYR A 402 -27.00 22.90 -19.66
CA TYR A 402 -25.98 22.75 -20.69
C TYR A 402 -25.87 21.25 -20.98
N ASN A 403 -25.87 20.89 -22.25
CA ASN A 403 -25.86 19.49 -22.68
C ASN A 403 -25.01 19.45 -23.92
N LYS A 404 -24.03 18.57 -23.95
CA LYS A 404 -23.08 18.52 -25.04
CA LYS A 404 -23.05 18.53 -25.01
C LYS A 404 -22.77 17.10 -25.50
N LEU A 405 -22.96 16.87 -26.80
CA LEU A 405 -22.57 15.59 -27.41
C LEU A 405 -21.07 15.55 -27.49
N VAL A 406 -20.47 14.56 -26.82
CA VAL A 406 -19.04 14.38 -26.85
C VAL A 406 -18.57 13.15 -27.63
N LYS A 407 -19.44 12.15 -27.83
CA LYS A 407 -19.04 10.93 -28.52
C LYS A 407 -20.19 10.44 -29.40
N PRO A 408 -20.13 10.76 -30.71
CA PRO A 408 -21.04 10.12 -31.67
C PRO A 408 -20.73 8.63 -31.74
N GLY A 409 -21.75 7.82 -31.98
CA GLY A 409 -21.56 6.39 -32.05
C GLY A 409 -21.53 5.75 -30.67
N TYR A 410 -20.74 4.70 -30.53
CA TYR A 410 -20.86 3.84 -29.34
C TYR A 410 -20.44 4.62 -28.09
N TYR A 411 -21.20 4.47 -27.01
CA TYR A 411 -20.82 5.08 -25.75
C TYR A 411 -21.56 4.31 -24.66
N ALA A 412 -20.79 3.69 -23.77
CA ALA A 412 -21.39 2.87 -22.71
C ALA A 412 -20.99 3.40 -21.34
N TYR A 413 -20.25 2.64 -20.52
CA TYR A 413 -19.91 3.11 -19.18
C TYR A 413 -18.92 4.27 -19.24
N SER A 414 -18.93 5.12 -18.21
CA SER A 414 -18.09 6.31 -18.21
C SER A 414 -17.81 6.77 -16.79
N CYS A 415 -16.75 7.59 -16.65
CA CYS A 415 -16.50 8.18 -15.34
C CYS A 415 -15.86 9.54 -15.52
N LEU A 416 -16.41 10.52 -14.81
CA LEU A 416 -15.96 11.92 -14.81
C LEU A 416 -15.04 12.20 -13.64
N THR A 417 -14.20 13.24 -13.80
CA THR A 417 -13.56 13.86 -12.67
C THR A 417 -13.36 15.33 -12.95
N GLU A 418 -13.41 16.14 -11.91
CA GLU A 418 -12.94 17.52 -12.04
C GLU A 418 -11.41 17.51 -11.94
N LEU A 419 -10.75 18.30 -12.76
CA LEU A 419 -9.28 18.39 -12.79
C LEU A 419 -8.85 19.56 -11.93
N SER A 420 -7.55 19.63 -11.68
CA SER A 420 -7.02 20.74 -10.86
C SER A 420 -7.27 22.09 -11.47
N ASN A 421 -7.25 22.17 -12.81
CA ASN A 421 -7.46 23.45 -13.49
C ASN A 421 -8.93 23.82 -13.65
N GLY A 422 -9.85 23.04 -13.07
CA GLY A 422 -11.28 23.30 -13.14
C GLY A 422 -11.94 22.75 -14.39
N ASN A 423 -11.16 22.12 -15.27
CA ASN A 423 -11.76 21.45 -16.42
C ASN A 423 -12.27 20.06 -15.97
N ILE A 424 -12.82 19.34 -16.92
CA ILE A 424 -13.44 18.04 -16.65
C ILE A 424 -12.69 16.98 -17.44
N GLY A 425 -12.29 15.93 -16.73
CA GLY A 425 -11.72 14.73 -17.38
C GLY A 425 -12.81 13.68 -17.50
N LEU A 426 -12.72 12.86 -18.55
CA LEU A 426 -13.76 11.85 -18.81
C LEU A 426 -13.09 10.62 -19.39
N LEU A 427 -13.33 9.45 -18.77
CA LEU A 427 -12.84 8.19 -19.30
C LEU A 427 -14.08 7.41 -19.69
N TYR A 428 -14.17 6.98 -20.96
CA TYR A 428 -15.43 6.38 -21.42
C TYR A 428 -15.19 5.18 -22.32
N GLU A 429 -16.19 4.29 -22.33
CA GLU A 429 -16.23 3.14 -23.22
C GLU A 429 -16.75 3.61 -24.57
N GLY A 430 -15.83 4.03 -25.45
CA GLY A 430 -16.24 4.40 -26.81
C GLY A 430 -16.14 3.23 -27.78
N THR A 431 -15.72 2.07 -27.27
CA THR A 431 -15.87 0.79 -27.92
C THR A 431 -16.42 -0.19 -26.90
N PRO A 432 -17.01 -1.31 -27.34
CA PRO A 432 -17.56 -2.23 -26.35
C PRO A 432 -16.59 -2.74 -25.32
N SER A 433 -15.36 -3.10 -25.73
CA SER A 433 -14.43 -3.74 -24.79
C SER A 433 -13.00 -3.67 -25.26
N GLU A 434 -12.65 -2.64 -26.03
CA GLU A 434 -11.28 -2.56 -26.52
CA GLU A 434 -11.31 -2.54 -26.59
C GLU A 434 -10.64 -1.25 -26.10
N GLU A 435 -10.66 -0.21 -26.92
CA GLU A 435 -10.11 1.08 -26.51
C GLU A 435 -11.03 1.81 -25.56
N MET A 436 -10.47 2.28 -24.44
CA MET A 436 -11.16 3.12 -23.46
C MET A 436 -10.56 4.52 -23.59
N SER A 437 -11.39 5.52 -23.84
CA SER A 437 -10.92 6.84 -24.27
C SER A 437 -10.96 7.87 -23.16
N TYR A 438 -9.94 8.70 -23.12
CA TYR A 438 -9.82 9.77 -22.13
C TYR A 438 -9.79 11.12 -22.85
N ILE A 439 -10.63 12.07 -22.41
CA ILE A 439 -10.64 13.45 -22.93
C ILE A 439 -10.71 14.41 -21.78
N GLU A 440 -10.24 15.62 -22.05
CA GLU A 440 -10.40 16.76 -21.15
C GLU A 440 -11.22 17.84 -21.85
N MET A 441 -12.14 18.47 -21.12
CA MET A 441 -13.05 19.48 -21.69
C MET A 441 -13.11 20.63 -20.75
N ASN A 442 -13.22 21.85 -21.26
CA ASN A 442 -13.48 22.97 -20.37
C ASN A 442 -14.97 23.36 -20.36
N LEU A 443 -15.31 24.25 -19.45
CA LEU A 443 -16.71 24.68 -19.37
C LEU A 443 -17.14 25.40 -20.60
N LYS A 444 -16.24 26.19 -21.21
CA LYS A 444 -16.60 26.90 -22.44
C LYS A 444 -17.08 25.88 -23.50
N TYR A 445 -16.39 24.74 -23.61
CA TYR A 445 -16.85 23.71 -24.54
C TYR A 445 -18.21 23.15 -24.11
N LEU A 446 -18.34 22.79 -22.84
CA LEU A 446 -19.58 22.17 -22.39
C LEU A 446 -20.78 23.08 -22.48
N GLU A 447 -20.53 24.38 -22.43
CA GLU A 447 -21.62 25.35 -22.49
C GLU A 447 -21.90 25.85 -23.89
N SER A 448 -21.15 25.37 -24.88
CA SER A 448 -21.18 25.96 -26.25
C SER A 448 -22.36 25.52 -27.06
N GLY A 449 -22.99 24.44 -26.67
N VAL B 1 11.21 -37.08 16.75
CA VAL B 1 11.91 -36.04 17.56
C VAL B 1 10.84 -35.31 18.39
N GLU B 2 11.19 -34.96 19.63
CA GLU B 2 10.31 -34.18 20.48
C GLU B 2 11.08 -32.99 21.03
N GLY B 3 10.33 -31.95 21.42
CA GLY B 3 10.90 -30.78 22.08
C GLY B 3 10.68 -29.50 21.30
N ALA B 4 10.06 -29.55 20.12
CA ALA B 4 9.79 -28.35 19.31
C ALA B 4 9.02 -27.31 20.14
N VAL B 5 9.43 -26.03 20.08
CA VAL B 5 8.81 -24.90 20.79
CA VAL B 5 8.65 -24.96 20.70
C VAL B 5 8.65 -23.70 19.86
N LYS B 6 7.44 -23.12 19.77
CA LYS B 6 7.19 -21.79 19.25
CA LYS B 6 7.27 -21.75 19.31
C LYS B 6 6.36 -21.09 20.33
N THR B 7 6.83 -19.98 20.88
CA THR B 7 6.01 -19.26 21.87
C THR B 7 4.80 -18.60 21.22
N GLU B 8 3.78 -18.34 22.04
CA GLU B 8 2.63 -17.58 21.54
C GLU B 8 3.06 -16.15 21.33
N PRO B 9 2.65 -15.53 20.20
CA PRO B 9 3.12 -14.18 19.92
C PRO B 9 2.77 -13.19 21.03
N VAL B 10 3.74 -12.29 21.28
CA VAL B 10 3.45 -11.16 22.14
CA VAL B 10 3.59 -11.15 22.19
C VAL B 10 3.56 -9.86 21.35
N ASP B 11 2.67 -8.93 21.67
CA ASP B 11 2.59 -7.66 20.98
C ASP B 11 3.67 -6.77 21.61
N LEU B 12 4.88 -6.83 21.08
CA LEU B 12 5.97 -6.07 21.66
C LEU B 12 5.82 -4.57 21.42
N PHE B 13 5.19 -4.22 20.31
CA PHE B 13 4.76 -2.84 20.09
C PHE B 13 3.33 -2.94 19.64
N HIS B 14 2.53 -1.92 19.94
CA HIS B 14 1.13 -1.95 19.63
C HIS B 14 0.57 -0.52 19.79
N PRO B 15 -0.60 -0.24 19.20
CA PRO B 15 -1.20 1.08 19.39
C PRO B 15 -1.32 1.40 20.89
N GLY B 16 -0.94 2.61 21.26
CA GLY B 16 -0.99 3.06 22.64
C GLY B 16 0.34 2.92 23.34
N PHE B 17 1.21 2.01 22.91
CA PHE B 17 2.49 1.85 23.58
C PHE B 17 3.29 3.15 23.35
N LEU B 18 3.83 3.75 24.42
CA LEU B 18 4.55 5.04 24.34
C LEU B 18 3.67 6.09 23.66
N ASN B 19 2.34 5.92 23.74
CA ASN B 19 1.40 6.88 23.10
CA ASN B 19 1.42 6.90 23.13
C ASN B 19 1.56 7.03 21.62
N SER B 20 2.01 5.96 20.96
CA SER B 20 2.05 5.93 19.50
C SER B 20 0.89 5.11 18.96
N SER B 21 0.14 5.68 18.00
CA SER B 21 -0.98 4.95 17.42
C SER B 21 -0.57 3.80 16.50
N ASN B 22 0.62 3.88 15.92
CA ASN B 22 1.04 2.88 14.94
C ASN B 22 2.50 2.59 15.10
N TYR B 23 2.89 1.44 14.56
CA TYR B 23 4.26 0.94 14.64
C TYR B 23 4.56 0.20 13.35
N ARG B 24 5.82 0.30 12.89
CA ARG B 24 6.29 -0.51 11.75
C ARG B 24 7.79 -0.64 11.85
N ILE B 25 8.32 -1.60 11.09
CA ILE B 25 9.73 -1.70 10.71
C ILE B 25 10.59 -2.23 11.85
N PRO B 26 10.52 -3.52 12.12
CA PRO B 26 11.26 -4.09 13.25
C PRO B 26 12.76 -4.27 13.05
N ALA B 27 13.50 -4.12 14.14
CA ALA B 27 14.92 -4.46 14.19
C ALA B 27 15.11 -5.15 15.54
N LEU B 28 15.90 -6.22 15.56
CA LEU B 28 16.04 -7.02 16.78
C LEU B 28 17.48 -7.54 16.83
N PHE B 29 18.08 -7.42 18.02
CA PHE B 29 19.51 -7.71 18.11
C PHE B 29 19.84 -8.14 19.55
N LYS B 30 20.66 -9.19 19.68
CA LYS B 30 21.17 -9.61 20.99
C LYS B 30 22.58 -9.06 21.17
N THR B 31 22.79 -8.32 22.27
CA THR B 31 24.10 -7.69 22.52
C THR B 31 25.08 -8.68 23.12
N LYS B 32 26.34 -8.25 23.16
CA LYS B 32 27.43 -9.04 23.72
C LYS B 32 27.10 -9.50 25.15
N GLU B 33 26.37 -8.68 25.90
CA GLU B 33 26.04 -8.99 27.30
C GLU B 33 24.81 -9.86 27.44
N GLY B 34 24.17 -10.17 26.31
CA GLY B 34 23.00 -11.02 26.31
C GLY B 34 21.68 -10.28 26.34
N THR B 35 21.68 -8.96 26.21
CA THR B 35 20.44 -8.19 26.23
C THR B 35 19.83 -8.23 24.83
N LEU B 36 18.50 -8.29 24.79
CA LEU B 36 17.84 -8.10 23.49
C LEU B 36 17.43 -6.64 23.38
N ILE B 37 17.72 -6.08 22.23
CA ILE B 37 17.24 -4.75 21.91
CA ILE B 37 17.32 -4.72 21.86
C ILE B 37 16.34 -4.85 20.70
N ALA B 38 15.14 -4.29 20.83
CA ALA B 38 14.17 -4.21 19.74
C ALA B 38 13.95 -2.73 19.42
N SER B 39 14.15 -2.37 18.17
CA SER B 39 13.82 -1.02 17.74
C SER B 39 12.74 -1.03 16.67
N ILE B 40 12.11 0.12 16.46
CA ILE B 40 10.90 0.17 15.67
C ILE B 40 10.62 1.64 15.34
N ASP B 41 9.83 1.85 14.26
CA ASP B 41 9.28 3.16 14.00
C ASP B 41 7.99 3.33 14.80
N ALA B 42 7.93 4.38 15.62
CA ALA B 42 6.70 4.80 16.29
C ALA B 42 6.05 5.82 15.32
N ARG B 43 5.09 5.33 14.55
CA ARG B 43 4.47 6.15 13.49
C ARG B 43 3.26 6.83 14.09
N ARG B 44 3.32 8.15 14.27
CA ARG B 44 2.42 8.86 15.18
CA ARG B 44 2.40 8.76 15.22
C ARG B 44 1.07 9.20 14.59
N HIS B 45 1.01 9.24 13.26
CA HIS B 45 -0.22 9.70 12.58
C HIS B 45 -0.64 8.72 11.54
N GLY B 46 -0.68 7.44 11.87
CA GLY B 46 -1.10 6.42 10.95
C GLY B 46 0.11 5.60 10.56
N GLY B 47 -0.09 4.71 9.60
CA GLY B 47 0.99 3.82 9.18
C GLY B 47 1.80 4.28 7.97
N ALA B 48 1.43 5.41 7.31
CA ALA B 48 2.05 5.78 6.06
C ALA B 48 3.52 6.08 6.25
N ASP B 49 4.26 5.92 5.18
CA ASP B 49 5.66 6.31 5.20
C ASP B 49 5.82 7.84 5.15
N ALA B 50 7.01 8.32 5.49
CA ALA B 50 7.36 9.72 5.23
C ALA B 50 7.11 9.99 3.74
N PRO B 51 6.63 11.18 3.37
CA PRO B 51 6.46 12.36 4.23
C PRO B 51 5.11 12.48 4.92
N ASN B 52 4.24 11.51 4.72
CA ASN B 52 2.86 11.62 5.22
C ASN B 52 2.72 11.07 6.64
N ASN B 53 3.61 11.55 7.51
CA ASN B 53 3.55 11.07 8.88
C ASN B 53 4.49 11.89 9.73
N ASP B 54 4.57 11.53 11.00
CA ASP B 54 5.60 12.07 11.93
C ASP B 54 6.07 10.83 12.70
N ILE B 55 7.28 10.37 12.38
CA ILE B 55 7.74 9.09 12.87
C ILE B 55 8.94 9.29 13.77
N ASP B 56 8.91 8.63 14.92
CA ASP B 56 9.99 8.66 15.93
C ASP B 56 10.57 7.25 16.05
N THR B 57 11.76 7.13 16.62
CA THR B 57 12.35 5.80 16.85
C THR B 57 12.17 5.38 18.30
N ALA B 58 11.63 4.20 18.52
CA ALA B 58 11.45 3.65 19.86
C ALA B 58 12.30 2.40 20.05
N VAL B 59 12.65 2.13 21.29
CA VAL B 59 13.47 0.96 21.65
C VAL B 59 12.93 0.33 22.93
N ARG B 60 12.88 -1.01 22.93
CA ARG B 60 12.68 -1.77 24.18
C ARG B 60 13.83 -2.71 24.38
N ARG B 61 14.09 -3.04 25.64
CA ARG B 61 15.18 -3.94 26.03
C ARG B 61 14.63 -5.09 26.85
N SER B 62 15.22 -6.25 26.67
CA SER B 62 14.98 -7.38 27.57
C SER B 62 16.28 -7.91 28.14
N GLU B 63 16.29 -8.12 29.46
CA GLU B 63 17.48 -8.68 30.09
C GLU B 63 17.31 -10.14 30.52
N ASP B 64 16.22 -10.77 30.08
CA ASP B 64 15.96 -12.17 30.43
C ASP B 64 15.65 -13.02 29.21
N GLY B 65 16.29 -12.70 28.10
CA GLY B 65 16.18 -13.53 26.92
C GLY B 65 14.83 -13.37 26.24
N GLY B 66 14.19 -12.22 26.41
CA GLY B 66 12.94 -11.93 25.69
C GLY B 66 11.69 -12.33 26.40
N LYS B 67 11.82 -12.78 27.64
CA LYS B 67 10.65 -13.19 28.38
C LYS B 67 9.91 -11.96 28.92
N THR B 68 10.64 -10.92 29.33
CA THR B 68 10.05 -9.67 29.78
C THR B 68 10.84 -8.51 29.17
N TRP B 69 10.16 -7.39 28.99
CA TRP B 69 10.71 -6.24 28.29
C TRP B 69 10.42 -4.99 29.06
N ASP B 70 11.29 -4.01 28.92
CA ASP B 70 11.18 -2.77 29.66
C ASP B 70 10.06 -1.87 29.11
N GLU B 71 9.90 -0.70 29.71
CA GLU B 71 8.82 0.19 29.34
C GLU B 71 9.04 1.00 28.07
N GLY B 72 10.21 0.82 27.45
CA GLY B 72 10.46 1.50 26.19
C GLY B 72 10.93 2.93 26.34
N GLN B 73 11.54 3.42 25.27
CA GLN B 73 11.89 4.84 25.27
C GLN B 73 11.95 5.30 23.81
N ILE B 74 11.65 6.57 23.60
CA ILE B 74 11.80 7.18 22.28
C ILE B 74 13.20 7.79 22.24
N ILE B 75 13.99 7.42 21.25
CA ILE B 75 15.37 7.87 21.26
C ILE B 75 15.70 8.90 20.18
N MET B 76 14.84 9.03 19.17
CA MET B 76 14.96 10.14 18.16
C MET B 76 13.58 10.61 17.86
N ASP B 77 13.41 11.92 17.79
CA ASP B 77 12.13 12.54 17.54
C ASP B 77 12.43 13.94 17.01
N TYR B 78 12.03 14.18 15.77
CA TYR B 78 12.13 15.52 15.16
C TYR B 78 10.72 16.13 15.10
N PRO B 79 10.65 17.47 15.03
CA PRO B 79 9.32 18.09 15.06
C PRO B 79 8.63 18.19 13.72
N ASP B 80 7.33 18.43 13.77
CA ASP B 80 6.60 18.93 12.63
C ASP B 80 6.75 18.09 11.37
N LYS B 81 6.55 16.80 11.55
CA LYS B 81 6.50 15.84 10.43
C LYS B 81 7.85 15.64 9.73
N SER B 82 8.94 16.01 10.40
CA SER B 82 10.25 15.43 10.09
C SER B 82 10.31 14.06 10.71
N SER B 83 10.71 13.05 9.94
CA SER B 83 10.66 11.65 10.40
C SER B 83 12.01 11.00 10.43
N VAL B 84 12.15 10.05 11.37
CA VAL B 84 13.21 9.05 11.32
C VAL B 84 12.49 7.75 11.02
N ILE B 85 12.98 7.04 10.00
CA ILE B 85 12.30 5.88 9.45
C ILE B 85 13.35 4.86 9.09
N ASP B 86 13.11 3.59 9.47
CA ASP B 86 13.90 2.42 9.09
C ASP B 86 15.19 2.28 9.86
N THR B 87 15.16 1.51 10.96
CA THR B 87 16.31 1.39 11.83
C THR B 87 17.06 0.08 11.60
N THR B 88 18.34 0.09 12.04
CA THR B 88 19.17 -1.08 12.00
C THR B 88 20.06 -1.07 13.23
N LEU B 89 20.41 -2.26 13.70
CA LEU B 89 21.20 -2.47 14.91
C LEU B 89 22.46 -3.26 14.62
N ILE B 90 23.57 -2.86 15.26
CA ILE B 90 24.81 -3.63 15.22
C ILE B 90 25.63 -3.24 16.44
N GLN B 91 26.70 -3.95 16.73
CA GLN B 91 27.57 -3.66 17.89
C GLN B 91 28.99 -3.94 17.49
N ASP B 92 29.90 -3.20 18.11
CA ASP B 92 31.34 -3.48 17.97
C ASP B 92 31.76 -4.38 19.09
N ASP B 93 32.18 -5.59 18.78
CA ASP B 93 32.65 -6.52 19.82
CA ASP B 93 32.60 -6.48 19.85
C ASP B 93 33.85 -6.00 20.60
N GLU B 94 34.71 -5.21 19.96
CA GLU B 94 35.97 -4.71 20.59
C GLU B 94 35.72 -3.76 21.75
N THR B 95 34.82 -2.82 21.52
CA THR B 95 34.53 -1.77 22.49
C THR B 95 33.22 -1.99 23.22
N GLY B 96 32.36 -2.88 22.69
CA GLY B 96 31.03 -3.11 23.27
C GLY B 96 30.01 -2.03 22.91
N ARG B 97 30.39 -1.04 22.10
CA ARG B 97 29.46 0.04 21.75
C ARG B 97 28.39 -0.53 20.79
N ILE B 98 27.13 -0.19 21.08
CA ILE B 98 25.99 -0.58 20.23
C ILE B 98 25.63 0.59 19.35
N PHE B 99 25.36 0.30 18.08
CA PHE B 99 24.97 1.34 17.11
C PHE B 99 23.55 1.09 16.65
N LEU B 100 22.84 2.20 16.46
CA LEU B 100 21.54 2.19 15.83
CA LEU B 100 21.55 2.16 15.77
C LEU B 100 21.61 3.26 14.72
N LEU B 101 21.31 2.89 13.48
CA LEU B 101 21.29 3.86 12.36
C LEU B 101 19.88 3.93 11.83
N VAL B 102 19.54 5.08 11.26
CA VAL B 102 18.18 5.31 10.75
C VAL B 102 18.24 6.30 9.61
N THR B 103 17.22 6.32 8.77
CA THR B 103 17.12 7.35 7.74
C THR B 103 16.31 8.52 8.29
N HIS B 104 16.79 9.72 8.04
CA HIS B 104 16.08 10.92 8.52
C HIS B 104 15.68 11.79 7.34
N PHE B 105 14.46 12.33 7.36
CA PHE B 105 14.01 13.32 6.37
C PHE B 105 13.49 14.56 7.07
N PRO B 106 13.83 15.75 6.58
CA PRO B 106 13.13 16.95 6.99
C PRO B 106 11.64 16.84 6.62
N SER B 107 10.85 17.69 7.25
CA SER B 107 9.43 17.78 6.92
C SER B 107 9.22 17.96 5.43
N LYS B 108 8.24 17.20 4.92
CA LYS B 108 7.79 17.21 3.52
C LYS B 108 8.55 16.26 2.61
N TYR B 109 9.59 15.59 3.13
CA TYR B 109 10.40 14.73 2.29
C TYR B 109 10.31 13.27 2.66
N GLY B 110 10.54 12.42 1.68
CA GLY B 110 10.56 10.98 1.89
C GLY B 110 11.23 10.32 0.70
N PHE B 111 11.07 9.00 0.58
CA PHE B 111 11.79 8.20 -0.42
C PHE B 111 11.61 8.77 -1.83
N TRP B 112 10.39 9.15 -2.18
CA TRP B 112 10.08 9.43 -3.59
C TRP B 112 10.53 10.82 -4.04
N ASN B 113 10.60 11.77 -3.12
CA ASN B 113 10.94 13.12 -3.53
C ASN B 113 12.26 13.65 -2.94
N ALA B 114 13.08 12.75 -2.40
CA ALA B 114 14.39 13.17 -1.88
C ALA B 114 15.22 13.90 -2.96
N GLY B 115 15.87 14.99 -2.59
CA GLY B 115 16.74 15.72 -3.52
C GLY B 115 18.10 15.12 -3.67
N LEU B 116 18.84 15.58 -4.69
CA LEU B 116 20.16 15.03 -4.95
C LEU B 116 21.20 15.39 -3.91
N GLY B 117 22.03 14.43 -3.60
CA GLY B 117 23.29 14.66 -2.87
C GLY B 117 23.19 14.68 -1.37
N SER B 118 24.33 14.95 -0.77
CA SER B 118 24.49 14.75 0.67
C SER B 118 23.87 15.83 1.55
N GLY B 119 23.60 17.01 0.99
CA GLY B 119 23.19 18.13 1.83
C GLY B 119 24.32 18.85 2.53
N PHE B 120 25.57 18.47 2.23
CA PHE B 120 26.77 19.09 2.81
C PHE B 120 27.57 19.76 1.73
N LYS B 121 28.38 20.73 2.10
CA LYS B 121 29.27 21.43 1.17
C LYS B 121 30.67 21.48 1.74
N ASN B 122 31.67 21.29 0.89
CA ASN B 122 33.02 21.38 1.37
C ASN B 122 33.50 22.82 1.39
N ILE B 123 33.93 23.33 2.53
CA ILE B 123 34.54 24.65 2.61
C ILE B 123 35.91 24.42 3.20
N ASP B 124 36.93 24.74 2.41
CA ASP B 124 38.32 24.57 2.79
C ASP B 124 38.63 23.24 3.44
N GLY B 125 38.06 22.17 2.88
CA GLY B 125 38.48 20.83 3.27
C GLY B 125 37.72 20.22 4.41
N LYS B 126 36.62 20.85 4.83
CA LYS B 126 35.71 20.25 5.79
C LYS B 126 34.30 20.32 5.24
N GLU B 127 33.53 19.24 5.45
CA GLU B 127 32.15 19.19 4.99
C GLU B 127 31.25 19.79 6.05
N TYR B 128 30.39 20.73 5.64
CA TYR B 128 29.44 21.42 6.51
C TYR B 128 28.02 21.27 5.99
N LEU B 129 27.07 21.09 6.91
CA LEU B 129 25.67 20.99 6.53
C LEU B 129 25.22 22.33 5.92
N CYS B 130 24.52 22.29 4.80
CA CYS B 130 23.97 23.48 4.21
C CYS B 130 22.60 23.81 4.78
N LEU B 131 22.31 25.10 4.83
CA LEU B 131 20.97 25.57 5.08
C LEU B 131 20.54 26.52 3.98
N TYR B 132 19.23 26.61 3.76
CA TYR B 132 18.70 27.42 2.66
C TYR B 132 17.61 28.32 3.20
N ASP B 133 17.58 29.57 2.72
CA ASP B 133 16.46 30.39 3.11
C ASP B 133 15.41 30.20 2.01
N SER B 134 14.30 30.88 2.15
CA SER B 134 13.16 30.64 1.27
C SER B 134 13.42 31.06 -0.18
N SER B 135 14.34 31.99 -0.36
CA SER B 135 14.75 32.42 -1.69
C SER B 135 15.82 31.50 -2.28
N GLY B 136 16.26 30.51 -1.49
CA GLY B 136 17.25 29.52 -1.94
C GLY B 136 18.70 29.92 -1.72
N LYS B 137 18.91 31.03 -1.03
CA LYS B 137 20.28 31.48 -0.70
C LYS B 137 20.89 30.40 0.23
N GLU B 138 22.16 30.06 0.03
CA GLU B 138 22.80 28.94 0.76
C GLU B 138 23.67 29.43 1.92
N PHE B 139 23.55 28.79 3.07
CA PHE B 139 24.36 29.03 4.27
C PHE B 139 25.03 27.71 4.67
N THR B 140 26.06 27.80 5.50
CA THR B 140 26.66 26.57 6.03
C THR B 140 26.66 26.61 7.55
N VAL B 141 26.58 25.42 8.16
CA VAL B 141 26.70 25.31 9.60
C VAL B 141 28.10 24.86 9.95
N ARG B 142 28.84 25.71 10.66
CA ARG B 142 30.25 25.39 10.95
C ARG B 142 30.38 25.37 12.45
N GLU B 143 30.62 24.18 13.02
CA GLU B 143 30.62 24.06 14.51
C GLU B 143 29.37 24.71 15.09
N ASN B 144 28.22 24.42 14.49
CA ASN B 144 26.92 24.85 15.01
C ASN B 144 26.64 26.35 14.90
N VAL B 145 27.50 27.06 14.17
CA VAL B 145 27.33 28.49 13.90
C VAL B 145 26.99 28.66 12.41
N VAL B 146 25.94 29.39 12.09
CA VAL B 146 25.51 29.52 10.69
C VAL B 146 26.24 30.69 10.03
N TYR B 147 26.87 30.40 8.90
CA TYR B 147 27.62 31.36 8.07
C TYR B 147 26.89 31.57 6.76
N ASP B 148 26.93 32.80 6.25
CA ASP B 148 26.36 33.04 4.93
C ASP B 148 27.34 32.68 3.83
N LYS B 149 26.93 32.92 2.57
CA LYS B 149 27.72 32.48 1.43
C LYS B 149 29.08 33.21 1.34
N ASP B 150 29.20 34.36 1.99
CA ASP B 150 30.46 35.12 2.02
C ASP B 150 31.32 34.82 3.25
N SER B 151 30.91 33.76 3.96
CA SER B 151 31.57 33.38 5.20
C SER B 151 31.48 34.45 6.27
N ASN B 152 30.39 35.22 6.26
CA ASN B 152 30.06 36.11 7.39
C ASN B 152 29.26 35.32 8.43
N LYS B 153 29.60 35.48 9.70
CA LYS B 153 28.83 34.83 10.77
CA LYS B 153 28.85 34.85 10.77
C LYS B 153 27.47 35.50 10.83
N THR B 154 26.42 34.70 10.91
CA THR B 154 25.06 35.24 11.08
C THR B 154 24.66 35.28 12.55
N GLU B 155 23.42 35.61 12.84
CA GLU B 155 22.87 35.55 14.21
CA GLU B 155 22.89 35.54 14.22
C GLU B 155 22.38 34.16 14.60
N TYR B 156 22.51 33.18 13.70
CA TYR B 156 21.92 31.88 13.93
C TYR B 156 22.93 30.84 14.33
N THR B 157 22.47 29.93 15.20
CA THR B 157 23.23 28.74 15.54
C THR B 157 22.28 27.54 15.56
N THR B 158 22.85 26.33 15.64
CA THR B 158 22.00 25.13 15.68
C THR B 158 22.46 24.24 16.82
N ASN B 159 21.70 23.15 17.04
CA ASN B 159 22.22 22.05 17.84
C ASN B 159 22.03 20.75 17.07
N ALA B 160 22.48 19.65 17.70
CA ALA B 160 22.46 18.34 17.05
C ALA B 160 21.08 17.84 16.71
N LEU B 161 20.05 18.35 17.38
CA LEU B 161 18.66 18.01 17.07
C LEU B 161 18.06 18.87 15.98
N GLY B 162 18.85 19.84 15.49
CA GLY B 162 18.36 20.70 14.45
C GLY B 162 17.70 21.96 14.95
N ASP B 163 17.68 22.18 16.27
CA ASP B 163 17.06 23.42 16.73
C ASP B 163 17.85 24.59 16.17
N LEU B 164 17.10 25.66 15.87
CA LEU B 164 17.67 26.85 15.27
C LEU B 164 17.49 27.99 16.27
N PHE B 165 18.59 28.64 16.63
CA PHE B 165 18.61 29.68 17.66
C PHE B 165 19.01 30.98 17.00
N LYS B 166 18.29 32.03 17.33
CA LYS B 166 18.66 33.37 16.90
C LYS B 166 19.15 34.11 18.12
N ASN B 167 20.40 34.54 18.10
CA ASN B 167 21.02 35.19 19.25
C ASN B 167 20.85 34.39 20.52
N GLY B 168 20.96 33.07 20.40
CA GLY B 168 20.87 32.22 21.62
C GLY B 168 19.46 31.87 22.10
N THR B 169 18.41 32.25 21.36
CA THR B 169 17.04 31.86 21.72
C THR B 169 16.44 30.99 20.61
N LYS B 170 15.88 29.82 21.00
CA LYS B 170 15.35 28.91 19.99
C LYS B 170 14.18 29.57 19.29
N ILE B 171 14.18 29.54 17.96
CA ILE B 171 13.04 30.05 17.17
C ILE B 171 12.33 29.00 16.33
N ASP B 172 12.99 27.89 16.02
CA ASP B 172 12.43 26.86 15.15
C ASP B 172 13.42 25.71 15.11
N ASN B 173 13.29 24.84 14.09
CA ASN B 173 14.16 23.69 13.92
C ASN B 173 14.33 23.53 12.42
N ILE B 174 15.57 23.34 11.97
CA ILE B 174 15.91 23.33 10.56
C ILE B 174 15.26 22.20 9.78
N ASN B 175 14.64 21.24 10.49
CA ASN B 175 13.94 20.12 9.87
C ASN B 175 12.43 20.33 9.78
N SER B 176 11.94 21.47 10.28
CA SER B 176 10.49 21.69 10.32
C SER B 176 10.01 22.30 8.98
N SER B 177 8.68 22.45 8.86
CA SER B 177 8.17 23.05 7.63
C SER B 177 8.16 24.60 7.67
N THR B 178 8.47 25.17 8.85
CA THR B 178 8.31 26.60 9.07
C THR B 178 9.65 27.35 9.29
N ALA B 179 10.78 26.61 9.44
CA ALA B 179 11.98 27.33 9.81
C ALA B 179 12.42 28.29 8.72
N PRO B 180 12.98 29.45 9.10
CA PRO B 180 13.54 30.39 8.11
C PRO B 180 14.82 29.93 7.42
N LEU B 181 15.51 28.96 8.03
CA LEU B 181 16.63 28.30 7.40
C LEU B 181 16.38 26.80 7.53
N LYS B 182 16.48 26.08 6.42
CA LYS B 182 16.14 24.65 6.34
CA LYS B 182 16.15 24.66 6.39
C LYS B 182 17.27 23.85 5.78
N ALA B 183 17.46 22.62 6.29
CA ALA B 183 18.31 21.65 5.63
C ALA B 183 17.75 21.35 4.24
N LYS B 184 18.61 20.84 3.37
CA LYS B 184 18.17 20.38 2.04
C LYS B 184 17.15 19.26 2.24
N GLY B 185 16.11 19.28 1.40
CA GLY B 185 15.08 18.25 1.45
C GLY B 185 15.55 16.98 0.80
N THR B 186 16.12 16.09 1.60
CA THR B 186 16.62 14.83 1.10
C THR B 186 16.76 13.89 2.29
N SER B 187 17.19 12.68 2.00
CA SER B 187 17.51 11.74 3.09
C SER B 187 18.84 12.04 3.72
N TYR B 188 18.92 11.74 5.02
CA TYR B 188 20.19 11.77 5.74
C TYR B 188 20.31 10.45 6.52
N ILE B 189 21.50 9.87 6.56
CA ILE B 189 21.74 8.73 7.46
C ILE B 189 22.18 9.27 8.82
N ASN B 190 21.42 8.88 9.86
CA ASN B 190 21.75 9.25 11.24
C ASN B 190 22.26 8.00 11.98
N LEU B 191 23.21 8.27 12.90
CA LEU B 191 23.82 7.24 13.72
CA LEU B 191 23.79 7.22 13.73
C LEU B 191 23.73 7.66 15.19
N VAL B 192 23.23 6.77 16.04
CA VAL B 192 23.36 6.94 17.48
C VAL B 192 24.05 5.71 18.07
N TYR B 193 24.55 5.85 19.30
CA TYR B 193 25.25 4.71 19.92
C TYR B 193 24.97 4.67 21.42
N SER B 194 25.23 3.50 22.00
CA SER B 194 25.04 3.28 23.42
C SER B 194 26.27 2.57 23.96
N ASP B 195 26.75 3.08 25.11
CA ASP B 195 27.92 2.53 25.79
C ASP B 195 27.52 1.85 27.07
N ASP B 196 26.22 1.67 27.29
CA ASP B 196 25.71 1.04 28.54
C ASP B 196 24.68 -0.04 28.19
N ASP B 197 24.94 -0.74 27.10
CA ASP B 197 24.15 -1.93 26.76
C ASP B 197 22.70 -1.56 26.38
N GLY B 198 22.55 -0.38 25.74
CA GLY B 198 21.26 0.02 25.22
C GLY B 198 20.37 0.82 26.16
N LYS B 199 20.85 1.12 27.37
CA LYS B 199 20.02 1.88 28.31
C LYS B 199 19.91 3.33 27.90
N THR B 200 21.02 3.92 27.48
CA THR B 200 21.01 5.32 27.02
C THR B 200 21.72 5.44 25.70
N TRP B 201 21.38 6.49 24.96
CA TRP B 201 21.83 6.65 23.60
C TRP B 201 22.34 8.06 23.36
N SER B 202 23.27 8.20 22.44
CA SER B 202 23.77 9.52 22.05
C SER B 202 22.76 10.28 21.21
N GLU B 203 23.07 11.55 20.96
CA GLU B 203 22.29 12.30 20.00
C GLU B 203 22.73 11.91 18.58
N PRO B 204 21.86 12.10 17.58
CA PRO B 204 22.19 11.66 16.22
C PRO B 204 23.40 12.36 15.64
N GLN B 205 24.23 11.55 15.00
CA GLN B 205 25.30 12.08 14.17
CA GLN B 205 25.36 11.98 14.15
C GLN B 205 24.90 11.88 12.72
N ASN B 206 24.98 12.95 11.91
CA ASN B 206 24.59 12.94 10.50
C ASN B 206 25.82 12.57 9.70
N ILE B 207 25.86 11.34 9.16
CA ILE B 207 27.05 10.82 8.46
C ILE B 207 26.93 10.88 6.93
N ASN B 208 25.94 11.63 6.44
CA ASN B 208 25.74 11.73 4.99
C ASN B 208 27.00 12.13 4.26
N PHE B 209 27.80 13.01 4.88
CA PHE B 209 28.99 13.56 4.22
C PHE B 209 30.02 12.46 3.88
N GLN B 210 30.00 11.33 4.62
CA GLN B 210 30.94 10.23 4.38
C GLN B 210 30.40 9.20 3.43
N VAL B 211 29.07 9.08 3.30
CA VAL B 211 28.51 7.92 2.63
C VAL B 211 27.64 8.23 1.42
N LYS B 212 27.20 9.47 1.24
CA LYS B 212 26.25 9.75 0.16
C LYS B 212 26.93 10.51 -0.97
N LYS B 213 26.82 9.96 -2.17
CA LYS B 213 27.45 10.53 -3.37
C LYS B 213 26.56 11.60 -3.98
N ASP B 214 27.13 12.46 -4.83
CA ASP B 214 26.40 13.63 -5.31
C ASP B 214 25.28 13.29 -6.27
N TRP B 215 25.31 12.08 -6.81
CA TRP B 215 24.31 11.63 -7.76
C TRP B 215 23.23 10.76 -7.14
N MET B 216 23.31 10.51 -5.83
CA MET B 216 22.26 9.75 -5.16
C MET B 216 21.15 10.70 -4.72
N LYS B 217 19.89 10.27 -4.88
CA LYS B 217 18.72 11.03 -4.40
CA LYS B 217 18.75 11.06 -4.38
C LYS B 217 18.36 10.54 -3.01
N PHE B 218 17.75 9.35 -2.96
CA PHE B 218 17.57 8.68 -1.67
C PHE B 218 18.80 7.84 -1.36
N LEU B 219 19.24 7.87 -0.10
CA LEU B 219 20.14 6.85 0.45
C LEU B 219 19.60 6.55 1.81
N GLY B 220 19.21 5.29 2.04
CA GLY B 220 18.60 4.93 3.33
C GLY B 220 19.14 3.66 3.91
N ILE B 221 18.96 3.55 5.21
CA ILE B 221 19.18 2.29 5.90
C ILE B 221 18.24 1.22 5.34
N ALA B 222 18.79 0.03 5.13
CA ALA B 222 17.94 -1.13 4.86
C ALA B 222 17.64 -1.77 6.23
N PRO B 223 16.39 -1.71 6.69
CA PRO B 223 16.17 -1.99 8.11
C PRO B 223 16.39 -3.43 8.52
N GLY B 224 16.78 -3.55 9.77
CA GLY B 224 17.03 -4.83 10.40
C GLY B 224 18.31 -4.77 11.21
N ARG B 225 19.35 -5.39 10.69
CA ARG B 225 20.61 -5.45 11.44
C ARG B 225 21.78 -5.33 10.50
N GLY B 226 22.94 -5.08 11.09
CA GLY B 226 24.21 -5.21 10.42
C GLY B 226 25.01 -6.42 10.87
N ILE B 227 26.28 -6.48 10.47
CA ILE B 227 27.18 -7.53 10.94
C ILE B 227 28.51 -6.89 11.26
N GLN B 228 29.32 -7.64 12.03
CA GLN B 228 30.74 -7.33 12.16
C GLN B 228 31.47 -8.56 11.64
N ILE B 229 32.39 -8.34 10.70
CA ILE B 229 33.04 -9.48 10.07
C ILE B 229 33.94 -10.21 11.07
N LYS B 230 33.88 -11.55 11.05
CA LYS B 230 34.60 -12.37 12.02
C LYS B 230 35.86 -13.02 11.46
N ASN B 231 35.91 -13.21 10.15
CA ASN B 231 36.96 -14.04 9.53
C ASN B 231 37.62 -13.28 8.39
N GLY B 232 38.90 -13.62 8.15
CA GLY B 232 39.57 -13.09 6.99
C GLY B 232 40.16 -11.71 7.20
N GLU B 233 40.54 -11.15 6.07
CA GLU B 233 41.30 -9.89 6.03
C GLU B 233 40.56 -8.69 6.61
N HIS B 234 39.23 -8.74 6.61
CA HIS B 234 38.39 -7.62 7.06
C HIS B 234 37.75 -7.84 8.40
N LYS B 235 38.27 -8.80 9.17
CA LYS B 235 37.81 -9.03 10.54
C LYS B 235 37.74 -7.73 11.30
N GLY B 236 36.60 -7.49 11.94
CA GLY B 236 36.35 -6.31 12.77
C GLY B 236 35.59 -5.22 12.00
N ARG B 237 35.52 -5.32 10.68
CA ARG B 237 34.76 -4.33 9.90
C ARG B 237 33.27 -4.43 10.27
N ILE B 238 32.65 -3.28 10.53
CA ILE B 238 31.23 -3.19 10.82
C ILE B 238 30.52 -2.86 9.51
N VAL B 239 29.52 -3.68 9.13
CA VAL B 239 28.91 -3.59 7.84
C VAL B 239 27.40 -3.37 8.01
N VAL B 240 26.89 -2.32 7.37
CA VAL B 240 25.48 -1.92 7.54
C VAL B 240 24.81 -1.82 6.17
N PRO B 241 23.86 -2.71 5.88
CA PRO B 241 23.12 -2.63 4.59
C PRO B 241 22.37 -1.33 4.37
N VAL B 242 22.41 -0.82 3.13
CA VAL B 242 21.72 0.38 2.71
C VAL B 242 21.20 0.18 1.30
N TYR B 243 20.45 1.16 0.82
CA TYR B 243 20.13 1.16 -0.61
C TYR B 243 19.89 2.60 -1.02
N TYR B 244 20.01 2.85 -2.32
CA TYR B 244 19.90 4.23 -2.78
C TYR B 244 19.22 4.30 -4.13
N THR B 245 18.78 5.51 -4.48
CA THR B 245 18.33 5.77 -5.83
C THR B 245 19.31 6.69 -6.52
N ASN B 246 19.36 6.53 -7.84
CA ASN B 246 20.14 7.44 -8.68
C ASN B 246 19.25 8.60 -9.19
N GLU B 247 19.79 9.38 -10.13
CA GLU B 247 19.09 10.56 -10.64
C GLU B 247 17.81 10.18 -11.37
N LYS B 248 17.76 8.97 -11.93
CA LYS B 248 16.55 8.47 -12.58
CA LYS B 248 16.60 8.40 -12.61
C LYS B 248 15.59 7.75 -11.64
N GLY B 249 15.91 7.73 -10.33
CA GLY B 249 14.99 7.18 -9.34
C GLY B 249 15.07 5.68 -9.19
N LYS B 250 16.07 5.03 -9.81
CA LYS B 250 16.17 3.57 -9.79
C LYS B 250 17.04 3.12 -8.60
N GLN B 251 16.61 2.05 -7.96
CA GLN B 251 17.21 1.57 -6.69
C GLN B 251 18.29 0.54 -6.84
N SER B 252 19.34 0.69 -6.03
CA SER B 252 20.44 -0.29 -5.94
C SER B 252 20.89 -0.42 -4.49
N SER B 253 21.14 -1.67 -4.11
CA SER B 253 21.63 -2.03 -2.77
C SER B 253 23.13 -1.76 -2.60
N ALA B 254 23.57 -1.62 -1.34
CA ALA B 254 25.00 -1.57 -1.07
C ALA B 254 25.17 -1.77 0.44
N VAL B 255 26.39 -1.71 0.92
CA VAL B 255 26.63 -1.57 2.34
C VAL B 255 27.50 -0.37 2.61
N ILE B 256 27.30 0.22 3.78
CA ILE B 256 28.30 1.13 4.35
C ILE B 256 29.07 0.38 5.40
N TYR B 257 30.31 0.80 5.64
CA TYR B 257 31.13 0.07 6.58
C TYR B 257 32.14 0.96 7.26
N SER B 258 32.59 0.45 8.43
CA SER B 258 33.56 1.15 9.25
C SER B 258 34.62 0.15 9.71
N ASP B 259 35.89 0.54 9.55
CA ASP B 259 37.02 -0.24 10.04
C ASP B 259 37.60 0.32 11.31
N ASP B 260 36.99 1.35 11.87
CA ASP B 260 37.49 2.00 13.07
C ASP B 260 36.40 2.15 14.13
N SER B 261 35.70 1.04 14.37
CA SER B 261 34.78 0.97 15.50
C SER B 261 33.66 1.98 15.38
N GLY B 262 33.28 2.31 14.14
CA GLY B 262 32.14 3.21 13.91
C GLY B 262 32.46 4.70 13.88
N LYS B 263 33.75 5.06 13.97
CA LYS B 263 34.12 6.48 13.97
CA LYS B 263 34.15 6.46 13.96
CA LYS B 263 34.06 6.48 13.96
C LYS B 263 33.94 7.06 12.56
N ASN B 264 34.37 6.32 11.54
CA ASN B 264 34.29 6.77 10.17
C ASN B 264 33.66 5.72 9.32
N TRP B 265 32.95 6.16 8.28
CA TRP B 265 32.21 5.26 7.40
C TRP B 265 32.52 5.56 5.93
N THR B 266 32.31 4.54 5.10
CA THR B 266 32.49 4.56 3.66
CA THR B 266 32.26 4.78 3.66
C THR B 266 31.28 3.78 3.06
N ILE B 267 30.92 4.04 1.82
CA ILE B 267 29.97 3.20 1.11
C ILE B 267 30.70 2.37 0.06
N GLY B 268 30.34 1.10 -0.05
CA GLY B 268 30.87 0.25 -1.09
C GLY B 268 30.12 0.42 -2.40
N GLU B 269 30.58 -0.28 -3.44
CA GLU B 269 29.82 -0.35 -4.66
C GLU B 269 28.56 -1.16 -4.44
N SER B 270 27.59 -0.94 -5.29
CA SER B 270 26.43 -1.80 -5.37
C SER B 270 26.72 -3.09 -6.13
N PRO B 271 25.99 -4.19 -5.86
CA PRO B 271 26.02 -5.30 -6.81
C PRO B 271 25.50 -4.91 -8.18
N ASN B 272 24.80 -3.79 -8.32
CA ASN B 272 24.42 -3.29 -9.65
C ASN B 272 25.57 -2.63 -10.41
N ASP B 273 26.67 -2.32 -9.74
CA ASP B 273 27.83 -1.72 -10.43
C ASP B 273 28.59 -2.82 -11.17
N ASN B 274 28.64 -2.69 -12.50
CA ASN B 274 29.27 -3.70 -13.38
C ASN B 274 28.62 -5.07 -13.28
N ARG B 275 27.33 -5.04 -12.97
CA ARG B 275 26.58 -6.29 -12.98
C ARG B 275 26.34 -6.79 -14.41
N LYS B 276 26.46 -8.11 -14.58
CA LYS B 276 26.09 -8.73 -15.84
C LYS B 276 24.70 -9.29 -15.65
N LEU B 277 23.78 -8.73 -16.43
CA LEU B 277 22.39 -9.22 -16.43
C LEU B 277 22.24 -10.52 -17.22
N GLU B 278 21.06 -11.13 -17.06
CA GLU B 278 20.77 -12.41 -17.73
C GLU B 278 20.83 -12.30 -19.26
N ASN B 279 20.49 -11.11 -19.75
CA ASN B 279 20.51 -10.91 -21.21
C ASN B 279 21.93 -10.71 -21.71
N GLY B 280 22.90 -10.75 -20.77
CA GLY B 280 24.33 -10.64 -21.11
C GLY B 280 24.83 -9.22 -20.95
N LYS B 281 23.90 -8.26 -20.80
CA LYS B 281 24.26 -6.84 -20.69
CA LYS B 281 24.29 -6.85 -20.70
CA LYS B 281 24.23 -6.85 -20.68
C LYS B 281 24.90 -6.47 -19.35
N ILE B 282 25.73 -5.39 -19.36
CA ILE B 282 26.42 -4.81 -18.15
C ILE B 282 25.75 -3.50 -17.76
N ILE B 283 25.44 -3.32 -16.46
CA ILE B 283 24.84 -2.07 -15.98
C ILE B 283 25.69 -1.45 -14.87
N ASN B 284 25.29 -0.26 -14.42
CA ASN B 284 25.88 0.43 -13.28
CA ASN B 284 25.83 0.24 -13.18
C ASN B 284 24.78 1.03 -12.43
N SER B 285 24.98 1.17 -11.13
CA SER B 285 23.93 1.77 -10.29
C SER B 285 23.73 3.24 -10.62
N LYS B 286 24.78 3.91 -11.12
CA LYS B 286 24.64 5.33 -11.39
C LYS B 286 23.79 5.59 -12.61
N THR B 287 23.85 4.68 -13.56
CA THR B 287 23.16 4.91 -14.84
C THR B 287 21.92 4.02 -15.01
N LEU B 288 21.65 3.11 -14.08
CA LEU B 288 20.50 2.21 -14.21
C LEU B 288 19.23 2.99 -14.55
N SER B 289 18.57 2.63 -15.65
CA SER B 289 17.43 3.42 -16.11
C SER B 289 16.18 2.58 -16.26
N ASP B 290 16.26 1.29 -15.91
CA ASP B 290 15.15 0.33 -15.99
CA ASP B 290 15.04 0.49 -15.94
C ASP B 290 14.72 -0.15 -14.61
N ASP B 291 13.45 -0.53 -14.48
CA ASP B 291 12.96 -1.04 -13.18
C ASP B 291 13.40 -2.46 -12.90
N ALA B 292 13.51 -3.29 -13.93
CA ALA B 292 13.68 -4.69 -13.68
C ALA B 292 14.91 -5.10 -12.87
N PRO B 293 16.11 -4.51 -13.11
CA PRO B 293 17.30 -4.92 -12.34
C PRO B 293 17.41 -4.29 -10.95
N GLN B 294 16.41 -3.55 -10.50
CA GLN B 294 16.59 -2.86 -9.20
C GLN B 294 16.85 -3.83 -8.07
N LEU B 295 17.69 -3.38 -7.15
CA LEU B 295 18.01 -4.14 -5.95
C LEU B 295 17.79 -3.18 -4.80
N THR B 296 17.05 -3.57 -3.76
CA THR B 296 16.61 -2.57 -2.83
C THR B 296 17.04 -2.88 -1.40
N GLU B 297 16.10 -2.97 -0.45
CA GLU B 297 16.48 -3.32 0.91
C GLU B 297 17.20 -4.64 0.89
N CYS B 298 18.10 -4.85 1.87
CA CYS B 298 18.99 -6.03 1.88
C CYS B 298 19.48 -6.30 3.26
N GLN B 299 19.95 -7.51 3.47
CA GLN B 299 20.61 -7.90 4.72
C GLN B 299 21.79 -8.77 4.30
N VAL B 300 22.82 -8.79 5.14
CA VAL B 300 24.08 -9.43 4.76
C VAL B 300 24.49 -10.52 5.77
N VAL B 301 25.13 -11.60 5.27
CA VAL B 301 25.68 -12.61 6.17
C VAL B 301 27.08 -12.98 5.67
N GLU B 302 27.79 -13.67 6.55
CA GLU B 302 29.18 -13.99 6.30
C GLU B 302 29.37 -15.50 6.11
N MET B 303 30.21 -15.87 5.15
CA MET B 303 30.54 -17.28 4.89
C MET B 303 31.73 -17.70 5.77
N PRO B 304 31.99 -19.02 5.86
CA PRO B 304 33.05 -19.45 6.77
C PRO B 304 34.42 -18.78 6.57
N ASN B 305 34.73 -18.39 5.35
CA ASN B 305 36.06 -17.82 5.08
C ASN B 305 36.02 -16.28 5.13
N GLY B 306 34.87 -15.68 5.45
CA GLY B 306 34.76 -14.22 5.47
C GLY B 306 33.99 -13.62 4.31
N GLN B 307 33.79 -14.39 3.23
CA GLN B 307 33.08 -13.87 2.07
C GLN B 307 31.68 -13.36 2.48
N LEU B 308 31.20 -12.29 1.86
CA LEU B 308 29.86 -11.77 2.23
C LEU B 308 28.84 -12.17 1.18
N LYS B 309 27.62 -12.36 1.66
CA LYS B 309 26.46 -12.64 0.85
C LYS B 309 25.40 -11.59 1.18
N LEU B 310 24.97 -10.83 0.15
CA LEU B 310 23.95 -9.79 0.33
C LEU B 310 22.63 -10.31 -0.23
N PHE B 311 21.64 -10.48 0.66
CA PHE B 311 20.31 -10.97 0.29
C PHE B 311 19.45 -9.75 0.03
N MET B 312 18.81 -9.69 -1.14
CA MET B 312 18.19 -8.43 -1.59
C MET B 312 16.74 -8.54 -2.03
N ARG B 313 15.94 -7.60 -1.58
CA ARG B 313 14.62 -7.34 -2.13
C ARG B 313 14.80 -6.88 -3.57
N ASN B 314 13.94 -7.35 -4.47
CA ASN B 314 14.14 -7.10 -5.91
C ASN B 314 12.81 -7.31 -6.61
N LEU B 315 12.80 -7.22 -7.94
CA LEU B 315 11.55 -7.30 -8.67
C LEU B 315 11.37 -8.61 -9.46
N SER B 316 12.24 -9.58 -9.22
CA SER B 316 12.18 -10.84 -9.99
C SER B 316 11.10 -11.82 -9.48
N GLY B 317 10.59 -11.59 -8.27
CA GLY B 317 9.67 -12.56 -7.65
C GLY B 317 10.38 -13.53 -6.73
N TYR B 318 11.71 -13.57 -6.78
CA TYR B 318 12.48 -14.54 -6.04
C TYR B 318 13.68 -13.87 -5.38
N LEU B 319 14.23 -14.54 -4.37
CA LEU B 319 15.40 -14.01 -3.68
C LEU B 319 16.56 -13.75 -4.64
N ASN B 320 17.28 -12.64 -4.44
CA ASN B 320 18.55 -12.39 -5.14
C ASN B 320 19.65 -12.34 -4.12
N ILE B 321 20.83 -12.83 -4.52
CA ILE B 321 22.00 -12.93 -3.65
C ILE B 321 23.22 -12.45 -4.40
N ALA B 322 23.95 -11.49 -3.81
CA ALA B 322 25.23 -11.03 -4.34
C ALA B 322 26.36 -11.49 -3.42
N THR B 323 27.57 -11.59 -3.99
CA THR B 323 28.74 -12.11 -3.30
C THR B 323 29.85 -11.08 -3.33
N SER B 324 30.53 -10.88 -2.21
CA SER B 324 31.66 -9.97 -2.15
C SER B 324 32.87 -10.67 -1.58
N PHE B 325 34.00 -10.53 -2.29
CA PHE B 325 35.30 -11.08 -1.90
C PHE B 325 36.17 -10.11 -1.11
N ASP B 326 35.71 -8.86 -0.95
CA ASP B 326 36.53 -7.79 -0.40
C ASP B 326 35.83 -7.03 0.71
N GLY B 327 35.04 -7.77 1.49
CA GLY B 327 34.42 -7.18 2.68
C GLY B 327 33.38 -6.13 2.38
N GLY B 328 32.73 -6.23 1.23
CA GLY B 328 31.62 -5.33 0.88
C GLY B 328 32.03 -4.13 0.05
N ALA B 329 33.32 -4.00 -0.28
CA ALA B 329 33.72 -2.90 -1.13
C ALA B 329 33.17 -3.02 -2.55
N THR B 330 33.16 -4.25 -3.08
CA THR B 330 32.64 -4.52 -4.42
C THR B 330 31.97 -5.90 -4.41
N TRP B 331 31.27 -6.22 -5.48
CA TRP B 331 30.53 -7.50 -5.55
C TRP B 331 30.87 -8.18 -6.87
N ASP B 332 30.73 -9.48 -6.89
CA ASP B 332 30.87 -10.25 -8.12
C ASP B 332 29.80 -9.83 -9.12
N GLU B 333 30.11 -9.93 -10.42
CA GLU B 333 29.18 -9.40 -11.45
C GLU B 333 27.88 -10.22 -11.55
N THR B 334 27.81 -11.44 -11.00
CA THR B 334 26.59 -12.25 -11.14
C THR B 334 25.78 -12.14 -9.86
N VAL B 335 24.56 -11.65 -10.00
CA VAL B 335 23.60 -11.69 -8.90
C VAL B 335 22.78 -12.96 -9.09
N GLU B 336 22.82 -13.84 -8.11
CA GLU B 336 22.12 -15.12 -8.18
C GLU B 336 20.65 -14.94 -7.88
N LYS B 337 19.81 -15.68 -8.60
CA LYS B 337 18.38 -15.75 -8.29
C LYS B 337 18.09 -17.14 -7.74
N ASP B 338 17.47 -17.20 -6.55
CA ASP B 338 17.16 -18.47 -5.91
C ASP B 338 15.66 -18.70 -5.99
N THR B 339 15.27 -19.53 -6.95
CA THR B 339 13.84 -19.76 -7.17
C THR B 339 13.23 -20.68 -6.13
N ASN B 340 14.02 -21.19 -5.20
CA ASN B 340 13.45 -21.86 -4.04
C ASN B 340 12.85 -20.91 -3.02
N VAL B 341 13.11 -19.61 -3.17
CA VAL B 341 12.72 -18.65 -2.13
C VAL B 341 11.95 -17.52 -2.82
N LEU B 342 10.62 -17.54 -2.70
CA LEU B 342 9.81 -16.42 -3.20
C LEU B 342 10.17 -15.12 -2.47
N GLU B 343 10.03 -14.01 -3.18
CA GLU B 343 10.36 -12.67 -2.64
C GLU B 343 9.33 -11.73 -3.24
N PRO B 344 8.24 -11.43 -2.49
CA PRO B 344 7.13 -10.64 -3.06
C PRO B 344 7.32 -9.14 -3.13
N TYR B 345 8.55 -8.66 -3.07
CA TYR B 345 8.93 -7.23 -3.05
C TYR B 345 8.67 -6.70 -1.65
N CYS B 346 9.42 -7.27 -0.71
CA CYS B 346 9.27 -6.95 0.71
C CYS B 346 10.64 -7.13 1.37
N GLN B 347 10.84 -6.41 2.47
CA GLN B 347 12.03 -6.63 3.30
C GLN B 347 12.14 -8.08 3.75
N LEU B 348 13.38 -8.52 3.99
CA LEU B 348 13.66 -9.87 4.46
C LEU B 348 14.67 -9.77 5.59
N SER B 349 14.77 -10.83 6.37
CA SER B 349 15.80 -10.91 7.38
C SER B 349 16.62 -12.18 7.16
N VAL B 350 17.93 -12.09 7.33
CA VAL B 350 18.81 -13.27 7.30
C VAL B 350 19.93 -13.02 8.30
N ILE B 351 20.29 -14.07 9.05
CA ILE B 351 21.35 -13.98 10.04
C ILE B 351 22.22 -15.22 9.97
N ASN B 352 23.49 -15.08 10.35
CA ASN B 352 24.29 -16.27 10.64
C ASN B 352 23.80 -16.95 11.90
N TYR B 353 23.85 -18.27 11.91
CA TYR B 353 23.58 -19.07 13.10
C TYR B 353 24.89 -19.57 13.64
N SER B 354 25.05 -19.60 14.97
CA SER B 354 26.41 -19.90 15.51
C SER B 354 26.75 -21.39 15.57
N GLN B 355 25.79 -22.28 15.39
CA GLN B 355 26.04 -23.73 15.55
C GLN B 355 25.80 -24.49 14.29
N LYS B 356 26.49 -25.61 14.11
CA LYS B 356 26.29 -26.39 12.93
C LYS B 356 24.89 -26.98 12.97
N VAL B 357 24.32 -27.19 11.79
CA VAL B 357 23.04 -27.90 11.66
C VAL B 357 23.31 -28.99 10.63
N ASP B 358 23.00 -30.25 10.96
CA ASP B 358 23.32 -31.38 10.07
C ASP B 358 24.80 -31.37 9.61
N GLY B 359 25.67 -30.92 10.51
CA GLY B 359 27.12 -30.90 10.24
C GLY B 359 27.59 -29.73 9.36
N LYS B 360 26.67 -28.77 9.08
CA LYS B 360 26.97 -27.69 8.15
CA LYS B 360 27.00 -27.69 8.18
C LYS B 360 26.84 -26.35 8.84
N ASP B 361 27.58 -25.39 8.34
CA ASP B 361 27.31 -23.99 8.76
C ASP B 361 25.94 -23.55 8.22
N ALA B 362 25.25 -22.67 8.94
CA ALA B 362 23.87 -22.40 8.58
C ALA B 362 23.58 -20.94 8.75
N VAL B 363 22.54 -20.50 8.02
CA VAL B 363 21.88 -19.17 8.22
C VAL B 363 20.41 -19.41 8.51
N ILE B 364 19.82 -18.42 9.14
CA ILE B 364 18.37 -18.41 9.39
C ILE B 364 17.80 -17.25 8.57
N PHE B 365 16.66 -17.51 7.91
CA PHE B 365 16.06 -16.54 6.99
C PHE B 365 14.58 -16.39 7.28
N SER B 366 14.06 -15.17 7.14
CA SER B 366 12.64 -14.89 7.34
C SER B 366 12.13 -13.94 6.28
N ASN B 367 10.97 -14.29 5.74
CA ASN B 367 10.26 -13.39 4.80
C ASN B 367 8.88 -13.97 4.55
N PRO B 368 8.03 -13.26 3.80
CA PRO B 368 6.75 -13.81 3.37
C PRO B 368 6.95 -14.73 2.19
N ASN B 369 6.66 -16.00 2.38
CA ASN B 369 6.86 -17.01 1.33
C ASN B 369 5.61 -17.11 0.46
N ALA B 370 5.48 -16.11 -0.41
CA ALA B 370 4.29 -15.98 -1.22
C ALA B 370 4.52 -14.96 -2.27
N ARG B 371 3.52 -14.80 -3.16
CA ARG B 371 3.54 -13.69 -4.11
C ARG B 371 2.93 -12.40 -3.53
N SER B 372 2.65 -12.44 -2.25
CA SER B 372 2.12 -11.30 -1.47
C SER B 372 2.72 -11.35 -0.08
N ARG B 373 2.40 -10.35 0.73
CA ARG B 373 2.96 -10.26 2.07
C ARG B 373 2.15 -11.12 3.02
N SER B 374 2.44 -12.42 2.96
CA SER B 374 1.70 -13.43 3.71
C SER B 374 2.55 -14.67 3.86
N ASN B 375 2.05 -15.64 4.62
CA ASN B 375 2.67 -16.95 4.74
C ASN B 375 4.10 -16.78 5.29
N GLY B 376 4.21 -16.12 6.43
CA GLY B 376 5.54 -15.79 7.00
C GLY B 376 6.26 -17.06 7.35
N THR B 377 7.49 -17.19 6.84
CA THR B 377 8.19 -18.48 6.89
C THR B 377 9.63 -18.27 7.32
N VAL B 378 10.07 -19.09 8.28
CA VAL B 378 11.47 -19.04 8.72
C VAL B 378 12.14 -20.30 8.19
N ARG B 379 13.32 -20.10 7.62
CA ARG B 379 14.07 -21.17 6.91
C ARG B 379 15.42 -21.32 7.55
N ILE B 380 15.94 -22.53 7.50
CA ILE B 380 17.36 -22.80 7.77
C ILE B 380 18.04 -23.12 6.45
N GLY B 381 19.04 -22.32 6.11
CA GLY B 381 19.84 -22.56 4.91
C GLY B 381 21.19 -23.08 5.28
N LEU B 382 21.50 -24.27 4.75
CA LEU B 382 22.83 -24.87 5.00
C LEU B 382 23.80 -24.43 3.93
N ILE B 383 25.03 -24.08 4.34
CA ILE B 383 26.00 -23.57 3.42
C ILE B 383 26.85 -24.74 2.95
N ASN B 384 27.04 -24.82 1.65
CA ASN B 384 27.94 -25.81 1.07
C ASN B 384 28.88 -25.14 0.12
N GLN B 385 30.18 -25.45 0.24
CA GLN B 385 31.11 -25.01 -0.78
C GLN B 385 30.95 -25.95 -1.96
N VAL B 386 30.68 -25.37 -3.13
CA VAL B 386 30.54 -26.15 -4.37
C VAL B 386 31.57 -25.58 -5.35
N GLY B 387 32.83 -25.91 -5.14
CA GLY B 387 33.84 -25.49 -6.10
C GLY B 387 34.34 -24.09 -5.81
N THR B 388 34.91 -23.47 -6.85
CA THR B 388 35.53 -22.16 -6.76
C THR B 388 35.15 -21.30 -7.94
N TYR B 389 35.28 -19.99 -7.78
CA TYR B 389 35.17 -19.05 -8.87
C TYR B 389 36.47 -19.08 -9.72
N GLU B 390 36.44 -18.36 -10.84
CA GLU B 390 37.62 -18.23 -11.71
C GLU B 390 38.80 -17.59 -10.96
N ASN B 391 38.52 -16.68 -10.03
CA ASN B 391 39.58 -16.05 -9.23
C ASN B 391 40.13 -16.93 -8.11
N GLY B 392 39.68 -18.21 -8.04
CA GLY B 392 40.14 -19.16 -7.01
C GLY B 392 39.38 -19.15 -5.68
N GLU B 393 38.49 -18.18 -5.48
CA GLU B 393 37.79 -18.08 -4.20
C GLU B 393 36.70 -19.16 -4.10
N PRO B 394 36.39 -19.60 -2.85
CA PRO B 394 35.35 -20.62 -2.70
C PRO B 394 34.01 -20.10 -3.22
N LYS B 395 33.25 -21.01 -3.81
CA LYS B 395 31.89 -20.72 -4.26
C LYS B 395 30.93 -21.44 -3.32
N TYR B 396 30.08 -20.67 -2.65
CA TYR B 396 29.17 -21.18 -1.64
C TYR B 396 27.74 -21.11 -2.13
N GLU B 397 26.99 -22.14 -1.83
CA GLU B 397 25.58 -22.20 -2.20
CA GLU B 397 25.57 -22.15 -2.18
C GLU B 397 24.76 -22.52 -0.96
N PHE B 398 23.50 -22.07 -0.94
CA PHE B 398 22.57 -22.36 0.15
C PHE B 398 21.67 -23.52 -0.22
N ASP B 399 21.48 -24.41 0.75
CA ASP B 399 20.47 -25.48 0.65
C ASP B 399 19.38 -25.13 1.68
N TRP B 400 18.21 -24.71 1.20
CA TRP B 400 17.07 -24.32 2.09
C TRP B 400 16.38 -25.60 2.52
N LYS B 401 17.00 -26.27 3.48
CA LYS B 401 16.61 -27.61 3.83
C LYS B 401 15.34 -27.64 4.70
N TYR B 402 15.18 -26.63 5.55
CA TYR B 402 14.08 -26.60 6.48
C TYR B 402 13.34 -25.30 6.29
N ASN B 403 12.02 -25.35 6.19
CA ASN B 403 11.22 -24.17 5.87
C ASN B 403 9.94 -24.27 6.66
N LYS B 404 9.73 -23.39 7.61
CA LYS B 404 8.60 -23.53 8.54
C LYS B 404 7.70 -22.32 8.54
N LEU B 405 6.41 -22.55 8.31
CA LEU B 405 5.43 -21.49 8.46
C LEU B 405 5.31 -21.05 9.91
N VAL B 406 5.49 -19.76 10.18
CA VAL B 406 5.33 -19.22 11.52
C VAL B 406 4.17 -18.26 11.64
N LYS B 407 3.70 -17.70 10.55
CA LYS B 407 2.62 -16.71 10.60
C LYS B 407 1.72 -16.84 9.38
N PRO B 408 0.61 -17.56 9.55
CA PRO B 408 -0.44 -17.59 8.52
C PRO B 408 -1.03 -16.16 8.39
N GLY B 409 -1.44 -15.78 7.19
CA GLY B 409 -2.02 -14.45 6.94
C GLY B 409 -0.92 -13.41 6.76
N TYR B 410 -1.22 -12.19 7.18
CA TYR B 410 -0.36 -11.07 6.87
C TYR B 410 1.02 -11.24 7.46
N TYR B 411 2.03 -10.95 6.67
CA TYR B 411 3.43 -11.00 7.14
C TYR B 411 4.23 -10.08 6.24
N ALA B 412 4.83 -9.04 6.82
CA ALA B 412 5.60 -8.08 6.01
C ALA B 412 7.05 -8.03 6.52
N TYR B 413 7.50 -6.89 7.05
CA TYR B 413 8.93 -6.80 7.43
C TYR B 413 9.18 -7.60 8.71
N SER B 414 10.43 -8.03 8.89
CA SER B 414 10.75 -8.88 10.01
C SER B 414 12.22 -8.75 10.38
N CYS B 415 12.58 -9.22 11.59
CA CYS B 415 14.00 -9.26 11.98
C CYS B 415 14.23 -10.41 12.95
N LEU B 416 15.26 -11.20 12.63
CA LEU B 416 15.68 -12.34 13.44
C LEU B 416 16.81 -11.98 14.38
N THR B 417 16.92 -12.78 15.46
CA THR B 417 18.18 -12.81 16.23
C THR B 417 18.36 -14.21 16.78
N GLU B 418 19.60 -14.62 16.91
CA GLU B 418 19.90 -15.79 17.73
C GLU B 418 19.89 -15.38 19.19
N LEU B 419 19.35 -16.23 20.05
CA LEU B 419 19.25 -15.98 21.47
C LEU B 419 20.38 -16.69 22.26
N SER B 420 20.61 -16.25 23.51
CA SER B 420 21.66 -16.84 24.34
C SER B 420 21.49 -18.35 24.49
N ASN B 421 20.25 -18.79 24.53
CA ASN B 421 19.94 -20.22 24.78
C ASN B 421 20.01 -21.07 23.53
N GLY B 422 20.46 -20.48 22.41
CA GLY B 422 20.60 -21.23 21.17
C GLY B 422 19.35 -21.20 20.27
N ASN B 423 18.27 -20.65 20.79
CA ASN B 423 17.02 -20.56 20.03
C ASN B 423 17.03 -19.29 19.17
N ILE B 424 15.92 -19.04 18.49
CA ILE B 424 15.78 -17.94 17.56
C ILE B 424 14.65 -17.03 18.01
N GLY B 425 14.91 -15.74 18.12
CA GLY B 425 13.85 -14.74 18.31
C GLY B 425 13.50 -14.08 16.99
N LEU B 426 12.26 -13.63 16.90
CA LEU B 426 11.76 -13.00 15.67
C LEU B 426 10.76 -11.92 16.04
N LEU B 427 10.96 -10.73 15.49
CA LEU B 427 10.01 -9.62 15.61
C LEU B 427 9.48 -9.35 14.22
N TYR B 428 8.15 -9.40 14.06
CA TYR B 428 7.61 -9.35 12.70
C TYR B 428 6.34 -8.51 12.62
N GLU B 429 6.12 -7.98 11.41
CA GLU B 429 4.89 -7.23 11.09
C GLU B 429 3.79 -8.24 10.73
N GLY B 430 3.04 -8.69 11.73
CA GLY B 430 1.90 -9.57 11.50
C GLY B 430 0.63 -8.80 11.32
N THR B 431 0.69 -7.47 11.46
CA THR B 431 -0.38 -6.57 11.03
C THR B 431 0.34 -5.49 10.21
N PRO B 432 -0.39 -4.71 9.40
CA PRO B 432 0.27 -3.70 8.58
C PRO B 432 1.03 -2.65 9.38
N SER B 433 0.44 -2.16 10.47
CA SER B 433 1.07 -1.04 11.18
C SER B 433 0.54 -0.88 12.61
N GLU B 434 0.11 -1.99 13.21
CA GLU B 434 -0.46 -1.95 14.54
C GLU B 434 0.36 -2.80 15.51
N GLU B 435 -0.04 -4.03 15.78
CA GLU B 435 0.72 -4.91 16.65
C GLU B 435 1.94 -5.48 15.88
N MET B 436 3.11 -5.39 16.53
CA MET B 436 4.36 -5.99 16.06
C MET B 436 4.64 -7.15 16.98
N SER B 437 4.77 -8.36 16.42
CA SER B 437 4.75 -9.57 17.25
C SER B 437 6.17 -10.13 17.44
N TYR B 438 6.41 -10.60 18.66
CA TYR B 438 7.68 -11.24 19.03
C TYR B 438 7.43 -12.69 19.42
N ILE B 439 8.23 -13.58 18.82
CA ILE B 439 8.18 -15.00 19.20
C ILE B 439 9.60 -15.56 19.36
N GLU B 440 9.69 -16.64 20.13
CA GLU B 440 10.90 -17.45 20.20
C GLU B 440 10.58 -18.83 19.64
N MET B 441 11.50 -19.40 18.87
CA MET B 441 11.33 -20.78 18.41
CA MET B 441 11.37 -20.76 18.32
C MET B 441 12.67 -21.49 18.47
N ASN B 442 12.61 -22.81 18.58
CA ASN B 442 13.82 -23.60 18.56
C ASN B 442 14.01 -24.25 17.20
N LEU B 443 15.22 -24.79 16.99
CA LEU B 443 15.49 -25.43 15.71
C LEU B 443 14.57 -26.64 15.49
N LYS B 444 14.23 -27.34 16.54
CA LYS B 444 13.29 -28.48 16.37
C LYS B 444 11.98 -27.99 15.76
N TYR B 445 11.46 -26.84 16.21
CA TYR B 445 10.26 -26.29 15.60
C TYR B 445 10.50 -26.00 14.13
N LEU B 446 11.63 -25.34 13.82
CA LEU B 446 11.92 -25.02 12.43
C LEU B 446 12.11 -26.22 11.54
N GLU B 447 12.52 -27.34 12.13
CA GLU B 447 12.76 -28.60 11.41
C GLU B 447 11.53 -29.51 11.39
N SER B 448 10.45 -29.11 12.04
CA SER B 448 9.34 -30.05 12.31
C SER B 448 8.41 -30.22 11.14
N GLY B 449 8.32 -29.18 10.31
CA CA C . -37.60 4.62 2.01
C1 FSI D . -23.18 -3.71 -18.49
F1 FSI D . -20.99 -5.35 -17.80
C2 FSI D . -22.58 -3.86 -17.12
C3 FSI D . -21.14 -4.28 -17.02
C4 FSI D . -20.75 -4.67 -15.60
O4 FSI D . -19.39 -5.12 -15.60
C5 FSI D . -21.66 -5.78 -15.09
N5 FSI D . -21.28 -6.21 -13.82
C6 FSI D . -23.09 -5.16 -15.11
O6 FSI D . -23.47 -4.73 -16.42
C7 FSI D . -24.13 -6.20 -14.69
O7 FSI D . -24.08 -7.35 -15.54
C8 FSI D . -25.54 -5.66 -14.79
O8 FSI D . -25.65 -4.46 -14.03
C9 FSI D . -26.53 -6.70 -14.25
O9 FSI D . -27.87 -6.25 -14.32
C10 FSI D . -21.37 -7.50 -13.43
O10 FSI D . -21.87 -8.39 -14.12
C11 FSI D . -20.85 -7.82 -12.04
O1A FSI D . -22.41 -3.54 -19.46
O1B FSI D . -24.43 -3.62 -18.56
CA CA E . -6.67 -13.43 -13.23
C1 FSI F . 7.49 -1.23 2.56
F1 FSI F . 7.45 1.06 4.19
C2 FSI F . 8.72 -0.45 3.08
C3 FSI F . 8.56 0.31 4.37
C4 FSI F . 9.73 1.22 4.63
O4 FSI F . 9.53 1.99 5.80
C5 FSI F . 9.92 2.17 3.43
N5 FSI F . 10.96 3.06 3.65
C6 FSI F . 10.20 1.27 2.22
O6 FSI F . 9.14 0.37 2.00
C7 FSI F . 10.31 2.09 0.92
O7 FSI F . 9.17 2.86 0.69
C8 FSI F . 10.55 1.20 -0.32
O8 FSI F . 11.66 0.32 -0.14
C9 FSI F . 10.76 2.02 -1.63
O9 FSI F . 10.87 1.20 -2.80
C10 FSI F . 10.93 4.34 3.24
O10 FSI F . 10.01 4.82 2.55
C11 FSI F . 12.11 5.24 3.61
O1A FSI F . 7.58 -1.64 1.36
O1B FSI F . 6.57 -1.48 3.33
CA CA G . 30.58 -5.61 -9.61
CA CA H . 8.46 13.57 15.88
#